data_4ZGC
#
_entry.id   4ZGC
#
_cell.length_a   62.942
_cell.length_b   117.634
_cell.length_c   74.508
_cell.angle_alpha   90.000
_cell.angle_beta   113.770
_cell.angle_gamma   90.000
#
_symmetry.space_group_name_H-M   'P 1 21 1'
#
loop_
_entity.id
_entity.type
_entity.pdbx_description
1 polymer 'Kelch protein'
2 non-polymer 'UNKNOWN ATOM OR ION'
3 water water
#
_entity_poly.entity_id   1
_entity_poly.type   'polypeptide(L)'
_entity_poly.pdbx_seq_one_letter_code
;KKKIVDANIATETMIDINVGGAIFETSRHTLTQQKDSFIEKLLSGRHHVTRDKQGRIFLDRDSELFRIILNFLRNPLTIP
IPKDLSESEALLKEAEFYGIKFLPFPLVFCIGGFDGVEYLNSMELLDISQQCWRMCTPMSTKKAYFGSAVLNNFLYVFGG
NNYDYKALFETEVYDRLRDVWYVSSNLNIPRRNNCGVTSNGRIYCIGGYDGSSIIPNVEAYDHRMKAWVEVAPLNTPRSS
AMCVAFDNKIYVIGGTNGERLNSIEVYEEKMNKWEQFPYALLEARSSGAAFNYLNQIYVVGGIDNEHNILDSVEQYQPFN
KRWQFLNGVPEKKMNFGAATLSDSYIITGGENGEVLNSCHFFSPDTNEWQLGPSLLVPRFGHSVLIANI
;
_entity_poly.pdbx_strand_id   A,B
#
loop_
_chem_comp.id
_chem_comp.type
_chem_comp.name
_chem_comp.formula
UNX non-polymer 'UNKNOWN ATOM OR ION' ?
#
# COMPACT_ATOMS: atom_id res chain seq x y z
N THR A 13 -3.17 -12.87 23.69
CA THR A 13 -3.89 -12.53 24.91
C THR A 13 -4.96 -11.46 24.65
N MET A 14 -5.93 -11.35 25.55
CA MET A 14 -7.18 -10.65 25.26
C MET A 14 -7.56 -9.51 26.22
N ILE A 15 -7.48 -8.27 25.74
CA ILE A 15 -7.75 -7.08 26.54
C ILE A 15 -9.18 -6.58 26.42
N ASP A 16 -9.74 -6.13 27.53
CA ASP A 16 -10.99 -5.37 27.52
C ASP A 16 -10.74 -3.89 27.68
N ILE A 17 -11.35 -3.08 26.83
CA ILE A 17 -11.22 -1.64 27.01
C ILE A 17 -12.58 -0.92 27.15
N ASN A 18 -12.59 0.12 27.97
CA ASN A 18 -13.80 0.90 28.20
C ASN A 18 -13.63 2.28 27.57
N VAL A 19 -14.26 2.51 26.43
CA VAL A 19 -14.11 3.81 25.76
C VAL A 19 -15.44 4.54 25.81
N GLY A 20 -15.49 5.60 26.61
CA GLY A 20 -16.70 6.37 26.77
C GLY A 20 -17.90 5.57 27.23
N GLY A 21 -17.70 4.66 28.19
CA GLY A 21 -18.79 3.85 28.69
C GLY A 21 -19.09 2.60 27.88
N ALA A 22 -18.53 2.52 26.68
CA ALA A 22 -18.71 1.34 25.85
C ALA A 22 -17.54 0.38 26.05
N ILE A 23 -17.88 -0.91 26.09
CA ILE A 23 -16.90 -1.97 26.28
C ILE A 23 -16.52 -2.65 24.97
N PHE A 24 -15.22 -2.84 24.74
CA PHE A 24 -14.73 -3.47 23.52
C PHE A 24 -13.79 -4.61 23.84
N GLU A 25 -14.12 -5.80 23.34
CA GLU A 25 -13.28 -6.97 23.60
C GLU A 25 -12.37 -7.23 22.42
N THR A 26 -11.06 -7.25 22.68
CA THR A 26 -10.10 -7.42 21.60
C THR A 26 -8.83 -8.15 22.07
N SER A 27 -7.77 -8.09 21.27
CA SER A 27 -6.50 -8.71 21.64
C SER A 27 -5.38 -7.65 21.70
N ARG A 28 -4.35 -7.91 22.48
CA ARG A 28 -3.23 -7.00 22.60
C ARG A 28 -2.59 -6.74 21.25
N HIS A 29 -2.54 -7.79 20.43
CA HIS A 29 -2.00 -7.72 19.07
C HIS A 29 -2.68 -6.62 18.25
N THR A 30 -4.01 -6.60 18.31
CA THR A 30 -4.81 -5.72 17.46
C THR A 30 -4.57 -4.25 17.77
N LEU A 31 -4.49 -3.92 19.06
CA LEU A 31 -4.38 -2.52 19.47
C LEU A 31 -2.96 -1.98 19.44
N THR A 32 -1.98 -2.85 19.29
CA THR A 32 -0.58 -2.42 19.29
C THR A 32 0.19 -2.75 18.01
N GLN A 33 -0.52 -3.10 16.94
CA GLN A 33 0.13 -3.40 15.67
C GLN A 33 0.87 -2.17 15.11
N GLN A 34 0.49 -0.98 15.56
CA GLN A 34 1.12 0.27 15.12
C GLN A 34 2.02 0.85 16.22
N LYS A 35 3.32 0.68 16.05
CA LYS A 35 4.30 1.12 17.04
C LYS A 35 4.16 2.60 17.36
N ASP A 36 4.28 2.92 18.66
CA ASP A 36 4.31 4.30 19.16
C ASP A 36 2.98 5.04 19.04
N SER A 37 1.92 4.32 18.66
CA SER A 37 0.59 4.92 18.73
C SER A 37 0.22 5.12 20.20
N PHE A 38 -0.74 6.00 20.44
CA PHE A 38 -1.19 6.27 21.80
C PHE A 38 -1.83 5.06 22.45
N ILE A 39 -2.49 4.23 21.65
CA ILE A 39 -3.27 3.13 22.21
C ILE A 39 -2.31 2.02 22.56
N GLU A 40 -1.23 1.93 21.80
CA GLU A 40 -0.22 0.94 22.10
C GLU A 40 0.52 1.30 23.39
N LYS A 41 0.95 2.55 23.51
CA LYS A 41 1.62 3.03 24.72
C LYS A 41 0.81 2.80 26.01
N LEU A 42 -0.51 3.01 25.94
CA LEU A 42 -1.37 2.83 27.10
C LEU A 42 -1.47 1.35 27.47
N HIS A 48 0.95 3.69 35.59
CA HIS A 48 -0.43 3.72 36.07
C HIS A 48 -1.33 4.48 35.11
N VAL A 49 -2.32 3.77 34.57
CA VAL A 49 -3.33 4.31 33.65
C VAL A 49 -4.63 4.50 34.41
N THR A 50 -5.58 5.23 33.84
CA THR A 50 -6.87 5.37 34.51
C THR A 50 -7.83 4.24 34.11
N ARG A 51 -8.49 3.65 35.10
CA ARG A 51 -9.38 2.50 34.90
C ARG A 51 -10.76 2.73 35.49
N ASP A 52 -11.73 1.96 35.04
CA ASP A 52 -13.08 2.06 35.59
C ASP A 52 -13.19 1.16 36.81
N LYS A 53 -14.39 1.15 37.41
CA LYS A 53 -14.67 0.41 38.64
C LYS A 53 -14.40 -1.08 38.50
N GLN A 54 -14.71 -1.62 37.32
CA GLN A 54 -14.53 -3.03 37.06
C GLN A 54 -13.09 -3.38 36.65
N GLY A 55 -12.20 -2.39 36.67
CA GLY A 55 -10.78 -2.64 36.38
C GLY A 55 -10.26 -2.33 34.98
N ARG A 56 -11.17 -2.24 34.00
CA ARG A 56 -10.80 -2.07 32.60
C ARG A 56 -10.17 -0.71 32.28
N ILE A 57 -9.19 -0.72 31.38
CA ILE A 57 -8.58 0.51 30.88
C ILE A 57 -9.69 1.41 30.39
N PHE A 58 -9.61 2.70 30.74
CA PHE A 58 -10.72 3.61 30.44
C PHE A 58 -10.25 4.85 29.71
N LEU A 59 -10.95 5.17 28.62
CA LEU A 59 -10.70 6.33 27.80
C LEU A 59 -11.98 7.12 27.71
N ASP A 60 -11.90 8.40 28.07
CA ASP A 60 -13.06 9.28 27.97
C ASP A 60 -13.10 9.87 26.57
N ARG A 61 -13.40 9.02 25.58
CA ARG A 61 -13.45 9.44 24.19
C ARG A 61 -14.75 8.95 23.59
N ASP A 62 -15.05 9.39 22.37
CA ASP A 62 -16.27 8.99 21.69
C ASP A 62 -16.24 7.47 21.35
N SER A 63 -17.25 6.74 21.81
CA SER A 63 -17.28 5.30 21.65
C SER A 63 -17.45 4.88 20.20
N GLU A 64 -18.37 5.53 19.49
CA GLU A 64 -18.66 5.18 18.11
C GLU A 64 -17.44 5.37 17.21
N LEU A 65 -16.71 6.47 17.40
CA LEU A 65 -15.49 6.67 16.63
C LEU A 65 -14.46 5.59 16.97
N PHE A 66 -14.38 5.22 18.24
CA PHE A 66 -13.48 4.16 18.63
C PHE A 66 -13.87 2.84 17.98
N ARG A 67 -15.17 2.57 17.93
CA ARG A 67 -15.70 1.39 17.31
C ARG A 67 -15.26 1.26 15.85
N ILE A 68 -15.42 2.35 15.10
CA ILE A 68 -14.99 2.34 13.71
C ILE A 68 -13.49 2.11 13.59
N ILE A 69 -12.72 2.75 14.46
CA ILE A 69 -11.28 2.57 14.39
C ILE A 69 -10.91 1.12 14.76
N LEU A 70 -11.62 0.53 15.71
CA LEU A 70 -11.29 -0.81 16.14
C LEU A 70 -11.57 -1.84 15.04
N ASN A 71 -12.69 -1.66 14.32
CA ASN A 71 -12.99 -2.52 13.18
C ASN A 71 -11.94 -2.38 12.08
N PHE A 72 -11.43 -1.18 11.91
CA PHE A 72 -10.32 -0.98 11.00
C PHE A 72 -9.11 -1.80 11.48
N LEU A 73 -8.77 -1.69 12.76
CA LEU A 73 -7.59 -2.40 13.26
C LEU A 73 -7.75 -3.95 13.17
N ARG A 74 -8.98 -4.43 13.35
CA ARG A 74 -9.28 -5.87 13.20
C ARG A 74 -9.07 -6.36 11.76
N ASN A 75 -9.14 -5.47 10.78
CA ASN A 75 -8.84 -5.84 9.39
C ASN A 75 -8.32 -4.63 8.60
N PRO A 76 -7.03 -4.38 8.68
CA PRO A 76 -6.47 -3.13 8.12
C PRO A 76 -6.47 -3.07 6.58
N LEU A 77 -6.97 -4.12 5.94
CA LEU A 77 -7.13 -4.11 4.49
C LEU A 77 -8.39 -3.34 4.12
N THR A 78 -9.24 -3.11 5.11
CA THR A 78 -10.47 -2.39 4.85
C THR A 78 -10.55 -1.03 5.58
N ILE A 79 -10.64 0.01 4.77
CA ILE A 79 -10.60 1.41 5.19
C ILE A 79 -12.01 1.87 5.48
N PRO A 80 -12.20 2.59 6.60
CA PRO A 80 -13.54 3.07 6.97
C PRO A 80 -14.14 3.99 5.92
N ILE A 81 -15.46 3.91 5.74
CA ILE A 81 -16.20 4.86 4.92
C ILE A 81 -17.11 5.73 5.81
N PRO A 82 -16.69 7.00 6.04
CA PRO A 82 -17.48 7.84 6.94
C PRO A 82 -18.83 8.13 6.31
N LYS A 83 -19.84 8.30 7.14
CA LYS A 83 -21.17 8.46 6.58
C LYS A 83 -21.39 9.87 6.05
N ASP A 84 -20.64 10.87 6.54
CA ASP A 84 -20.71 12.26 6.02
C ASP A 84 -19.46 13.09 6.34
N LEU A 85 -19.44 14.34 5.89
CA LEU A 85 -18.26 15.21 6.03
C LEU A 85 -17.80 15.36 7.48
N SER A 86 -18.74 15.52 8.37
CA SER A 86 -18.44 15.70 9.78
C SER A 86 -17.75 14.46 10.41
N GLU A 87 -18.33 13.28 10.24
CA GLU A 87 -17.73 12.06 10.79
C GLU A 87 -16.36 11.82 10.16
N SER A 88 -16.25 12.15 8.88
CA SER A 88 -14.98 12.07 8.16
C SER A 88 -13.92 12.95 8.80
N GLU A 89 -14.27 14.20 9.10
CA GLU A 89 -13.34 15.08 9.80
C GLU A 89 -13.10 14.60 11.24
N ALA A 90 -14.18 14.19 11.89
CA ALA A 90 -14.11 13.62 13.24
C ALA A 90 -13.24 12.37 13.32
N LEU A 91 -13.35 11.49 12.31
CA LEU A 91 -12.61 10.24 12.33
C LEU A 91 -11.11 10.46 12.19
N LEU A 92 -10.70 11.28 11.21
CA LEU A 92 -9.28 11.56 11.01
C LEU A 92 -8.68 12.20 12.26
N LYS A 93 -9.38 13.18 12.82
CA LYS A 93 -8.95 13.81 14.09
C LYS A 93 -8.77 12.78 15.22
N GLU A 94 -9.75 11.90 15.39
CA GLU A 94 -9.69 10.86 16.40
C GLU A 94 -8.51 9.93 16.18
N ALA A 95 -8.33 9.48 14.95
CA ALA A 95 -7.24 8.57 14.62
C ALA A 95 -5.88 9.22 14.90
N GLU A 96 -5.77 10.51 14.62
CA GLU A 96 -4.55 11.24 14.91
C GLU A 96 -4.28 11.27 16.40
N PHE A 97 -5.33 11.43 17.20
CA PHE A 97 -5.14 11.36 18.65
C PHE A 97 -4.61 9.99 19.05
N TYR A 98 -5.22 8.94 18.53
CA TYR A 98 -4.81 7.59 18.90
C TYR A 98 -3.47 7.21 18.26
N GLY A 99 -3.05 7.98 17.26
CA GLY A 99 -1.79 7.71 16.60
C GLY A 99 -1.94 6.64 15.53
N ILE A 100 -3.15 6.51 15.00
CA ILE A 100 -3.44 5.49 14.01
C ILE A 100 -3.39 6.03 12.60
N LYS A 101 -2.74 5.30 11.72
CA LYS A 101 -2.79 5.58 10.28
C LYS A 101 -3.66 4.53 9.58
N PHE A 102 -4.50 4.96 8.65
CA PHE A 102 -5.34 4.01 7.92
C PHE A 102 -4.60 3.32 6.75
N LEU A 103 -3.55 3.97 6.24
CA LEU A 103 -2.69 3.38 5.21
C LEU A 103 -1.22 3.53 5.62
N PRO A 104 -0.42 2.47 5.41
CA PRO A 104 1.01 2.41 5.72
C PRO A 104 1.88 2.96 4.60
N PHE A 105 1.27 3.72 3.68
CA PHE A 105 2.01 4.37 2.59
C PHE A 105 1.31 5.71 2.25
N PRO A 106 2.05 6.65 1.65
CA PRO A 106 1.45 7.94 1.27
C PRO A 106 0.63 7.85 0.01
N LEU A 107 -0.42 8.67 -0.07
CA LEU A 107 -1.20 8.80 -1.28
C LEU A 107 -0.74 10.05 -2.06
N VAL A 108 -0.16 9.83 -3.23
CA VAL A 108 0.40 10.91 -4.03
C VAL A 108 -0.54 11.31 -5.16
N PHE A 109 -1.05 12.53 -5.07
CA PHE A 109 -2.03 13.04 -6.02
C PHE A 109 -1.43 14.09 -6.98
N CYS A 110 -1.94 14.09 -8.20
CA CYS A 110 -1.52 14.99 -9.26
C CYS A 110 -2.81 15.61 -9.79
N ILE A 111 -2.92 16.94 -9.70
CA ILE A 111 -4.20 17.61 -9.86
C ILE A 111 -4.22 18.73 -10.88
N GLY A 112 -5.18 18.68 -11.80
CA GLY A 112 -5.45 19.78 -12.71
C GLY A 112 -4.38 20.07 -13.74
N GLY A 113 -4.27 21.34 -14.11
CA GLY A 113 -3.25 21.80 -15.02
C GLY A 113 -3.77 22.07 -16.41
N PHE A 114 -2.85 22.04 -17.36
CA PHE A 114 -3.13 22.36 -18.74
C PHE A 114 -2.41 21.33 -19.62
N ASP A 115 -3.10 20.80 -20.63
CA ASP A 115 -2.53 19.68 -21.39
C ASP A 115 -1.92 20.08 -22.74
N GLY A 116 -1.92 21.37 -23.03
CA GLY A 116 -1.49 21.87 -24.32
C GLY A 116 -2.59 22.66 -25.03
N VAL A 117 -3.83 22.19 -24.89
CA VAL A 117 -4.96 22.91 -25.46
C VAL A 117 -6.17 23.00 -24.50
N GLU A 118 -6.29 22.06 -23.57
CA GLU A 118 -7.40 22.03 -22.62
C GLU A 118 -6.95 22.25 -21.18
N TYR A 119 -7.73 23.01 -20.40
CA TYR A 119 -7.53 23.04 -18.94
C TYR A 119 -8.10 21.73 -18.35
N LEU A 120 -7.54 21.27 -17.22
CA LEU A 120 -7.90 19.95 -16.71
C LEU A 120 -8.51 19.98 -15.31
N ASN A 121 -9.53 19.14 -15.09
CA ASN A 121 -10.00 18.89 -13.74
C ASN A 121 -9.64 17.48 -13.25
N SER A 122 -8.99 16.71 -14.12
CA SER A 122 -8.65 15.32 -13.84
C SER A 122 -7.61 15.23 -12.74
N MET A 123 -7.59 14.08 -12.07
CA MET A 123 -6.62 13.83 -11.01
C MET A 123 -6.01 12.43 -11.13
N GLU A 124 -4.72 12.33 -10.83
CA GLU A 124 -3.99 11.08 -10.89
C GLU A 124 -3.41 10.71 -9.53
N LEU A 125 -3.54 9.43 -9.20
CA LEU A 125 -3.03 8.87 -7.96
C LEU A 125 -1.93 7.87 -8.29
N LEU A 126 -0.79 7.96 -7.61
CA LEU A 126 0.28 7.00 -7.82
C LEU A 126 0.00 5.69 -7.09
N ASP A 127 -0.20 4.62 -7.86
CA ASP A 127 -0.51 3.30 -7.34
C ASP A 127 0.79 2.55 -7.03
N ILE A 128 1.14 2.49 -5.76
CA ILE A 128 2.38 1.86 -5.32
C ILE A 128 2.43 0.38 -5.71
N SER A 129 1.33 -0.32 -5.41
CA SER A 129 1.16 -1.70 -5.73
C SER A 129 1.45 -1.95 -7.22
N GLN A 130 0.76 -1.22 -8.09
CA GLN A 130 0.88 -1.40 -9.51
C GLN A 130 2.07 -0.64 -10.14
N GLN A 131 2.78 0.17 -9.33
CA GLN A 131 3.93 0.96 -9.81
C GLN A 131 3.63 1.78 -11.06
N CYS A 132 2.49 2.45 -11.04
CA CYS A 132 2.08 3.31 -12.16
C CYS A 132 1.06 4.32 -11.63
N TRP A 133 0.75 5.32 -12.44
CA TRP A 133 -0.29 6.29 -12.10
C TRP A 133 -1.63 5.77 -12.61
N ARG A 134 -2.69 5.87 -11.80
CA ARG A 134 -4.03 5.54 -12.26
C ARG A 134 -4.88 6.81 -12.25
N MET A 135 -5.83 6.90 -13.18
CA MET A 135 -6.76 8.03 -13.17
C MET A 135 -7.62 7.93 -11.92
N CYS A 136 -7.90 9.07 -11.30
CA CYS A 136 -8.67 9.06 -10.07
C CYS A 136 -9.88 10.01 -10.14
N THR A 137 -10.41 10.40 -8.99
CA THR A 137 -11.62 11.23 -8.97
C THR A 137 -11.35 12.68 -9.35
N PRO A 138 -12.00 13.16 -10.42
CA PRO A 138 -11.78 14.54 -10.87
C PRO A 138 -12.42 15.56 -9.96
N MET A 139 -11.82 16.76 -9.90
CA MET A 139 -12.45 17.85 -9.18
C MET A 139 -13.49 18.49 -10.10
N SER A 140 -14.26 19.44 -9.57
CA SER A 140 -15.38 20.00 -10.32
CA SER A 140 -15.39 19.99 -10.33
C SER A 140 -14.99 21.08 -11.33
N THR A 141 -13.94 21.84 -11.04
CA THR A 141 -13.56 22.94 -11.96
C THR A 141 -12.21 22.77 -12.64
N LYS A 142 -12.21 22.81 -13.96
CA LYS A 142 -10.97 22.75 -14.76
C LYS A 142 -10.10 23.99 -14.53
N LYS A 143 -8.81 23.80 -14.25
CA LYS A 143 -7.93 24.94 -13.97
C LYS A 143 -6.45 24.57 -13.97
N ALA A 144 -5.62 25.54 -14.33
CA ALA A 144 -4.18 25.46 -14.09
C ALA A 144 -3.74 26.64 -13.20
N TYR A 145 -2.50 26.58 -12.71
CA TYR A 145 -1.87 27.69 -11.99
C TYR A 145 -2.66 28.13 -10.74
N PHE A 146 -2.94 27.20 -9.84
CA PHE A 146 -3.64 27.52 -8.59
C PHE A 146 -2.78 27.22 -7.38
N GLY A 147 -3.12 27.83 -6.25
CA GLY A 147 -2.45 27.52 -5.00
C GLY A 147 -3.02 26.23 -4.43
N SER A 148 -2.18 25.44 -3.76
CA SER A 148 -2.63 24.13 -3.27
C SER A 148 -1.90 23.76 -1.98
N ALA A 149 -2.59 23.03 -1.10
CA ALA A 149 -1.99 22.65 0.18
C ALA A 149 -2.80 21.57 0.86
N VAL A 150 -2.18 20.87 1.80
CA VAL A 150 -2.92 19.92 2.59
C VAL A 150 -3.12 20.38 4.05
N LEU A 151 -4.34 20.21 4.55
CA LEU A 151 -4.69 20.55 5.91
C LEU A 151 -5.57 19.45 6.52
N ASN A 152 -5.10 18.85 7.61
CA ASN A 152 -5.74 17.68 8.22
C ASN A 152 -6.02 16.59 7.16
N ASN A 153 -5.07 16.38 6.26
CA ASN A 153 -5.15 15.33 5.23
C ASN A 153 -6.35 15.44 4.29
N PHE A 154 -6.96 16.62 4.23
CA PHE A 154 -7.83 16.97 3.11
C PHE A 154 -7.01 17.78 2.10
N LEU A 155 -7.31 17.62 0.81
CA LEU A 155 -6.60 18.36 -0.21
C LEU A 155 -7.33 19.68 -0.49
N TYR A 156 -6.56 20.76 -0.56
CA TYR A 156 -7.10 22.08 -0.89
C TYR A 156 -6.47 22.59 -2.17
N VAL A 157 -7.31 23.12 -3.07
CA VAL A 157 -6.91 23.85 -4.26
C VAL A 157 -7.70 25.17 -4.35
N PHE A 158 -7.05 26.25 -4.77
CA PHE A 158 -7.68 27.58 -4.66
C PHE A 158 -7.04 28.59 -5.60
N GLY A 159 -7.86 29.38 -6.29
CA GLY A 159 -7.37 30.30 -7.28
C GLY A 159 -7.22 29.63 -8.63
N GLY A 160 -6.36 30.15 -9.49
CA GLY A 160 -6.11 29.52 -10.77
C GLY A 160 -6.84 30.23 -11.88
N ASN A 161 -6.73 29.71 -13.10
CA ASN A 161 -7.45 30.28 -14.24
C ASN A 161 -7.85 29.18 -15.22
N ASN A 162 -8.86 29.45 -16.04
CA ASN A 162 -9.23 28.57 -17.15
C ASN A 162 -9.75 29.37 -18.34
N TYR A 163 -10.52 28.74 -19.22
CA TYR A 163 -11.03 29.45 -20.40
C TYR A 163 -12.13 30.43 -20.09
N ASP A 164 -12.73 30.33 -18.90
CA ASP A 164 -13.86 31.19 -18.59
C ASP A 164 -13.44 32.35 -17.69
N TYR A 165 -12.27 32.21 -17.06
CA TYR A 165 -11.83 33.16 -16.03
C TYR A 165 -10.31 33.37 -15.96
N LYS A 166 -9.87 34.63 -16.04
CA LYS A 166 -8.45 34.96 -15.94
C LYS A 166 -7.91 34.70 -14.54
N ALA A 167 -8.81 34.73 -13.56
CA ALA A 167 -8.47 34.50 -12.16
C ALA A 167 -9.69 34.03 -11.42
N LEU A 168 -9.48 33.13 -10.45
CA LEU A 168 -10.57 32.47 -9.75
C LEU A 168 -10.47 32.69 -8.25
N PHE A 169 -11.60 32.63 -7.58
CA PHE A 169 -11.62 32.72 -6.12
C PHE A 169 -12.08 31.41 -5.46
N GLU A 170 -12.53 30.45 -6.28
CA GLU A 170 -13.06 29.19 -5.78
C GLU A 170 -12.01 28.32 -5.07
N THR A 171 -12.43 27.69 -3.97
CA THR A 171 -11.63 26.67 -3.28
C THR A 171 -12.33 25.32 -3.29
N GLU A 172 -11.65 24.29 -3.78
CA GLU A 172 -12.19 22.93 -3.69
C GLU A 172 -11.40 22.06 -2.71
N VAL A 173 -12.10 21.13 -2.04
CA VAL A 173 -11.50 20.27 -1.03
C VAL A 173 -11.77 18.77 -1.25
N TYR A 174 -10.70 17.98 -1.23
CA TYR A 174 -10.87 16.55 -1.49
C TYR A 174 -10.85 15.69 -0.22
N ASP A 175 -11.95 15.01 -0.02
CA ASP A 175 -12.10 14.11 1.11
C ASP A 175 -11.88 12.66 0.60
N ARG A 176 -10.72 12.09 0.87
CA ARG A 176 -10.37 10.78 0.33
C ARG A 176 -11.24 9.66 0.89
N LEU A 177 -11.45 9.64 2.20
CA LEU A 177 -12.20 8.56 2.82
C LEU A 177 -13.61 8.43 2.26
N ARG A 178 -14.26 9.56 1.96
CA ARG A 178 -15.58 9.54 1.32
C ARG A 178 -15.43 9.64 -0.19
N ASP A 179 -14.19 9.81 -0.64
CA ASP A 179 -13.86 9.98 -2.06
C ASP A 179 -14.69 11.06 -2.80
N VAL A 180 -14.79 12.23 -2.20
CA VAL A 180 -15.58 13.25 -2.86
C VAL A 180 -14.89 14.63 -2.79
N TRP A 181 -15.13 15.46 -3.79
CA TRP A 181 -14.70 16.84 -3.75
C TRP A 181 -15.86 17.70 -3.25
N TYR A 182 -15.57 18.72 -2.44
CA TYR A 182 -16.61 19.69 -2.13
C TYR A 182 -16.12 21.13 -2.23
N VAL A 183 -17.08 22.04 -2.37
CA VAL A 183 -16.76 23.45 -2.52
C VAL A 183 -16.62 24.07 -1.14
N SER A 184 -15.51 24.77 -0.93
CA SER A 184 -15.25 25.41 0.34
C SER A 184 -15.34 26.91 0.17
N SER A 185 -14.63 27.65 1.03
CA SER A 185 -14.64 29.12 1.04
C SER A 185 -14.00 29.82 -0.15
N ASN A 186 -14.55 30.96 -0.54
CA ASN A 186 -13.97 31.78 -1.59
C ASN A 186 -12.78 32.59 -1.12
N LEU A 187 -11.80 32.72 -1.99
CA LEU A 187 -10.71 33.67 -1.80
C LEU A 187 -11.26 35.09 -1.78
N ASN A 188 -10.67 35.96 -0.97
CA ASN A 188 -11.06 37.37 -1.04
C ASN A 188 -10.64 37.99 -2.37
N ILE A 189 -9.42 37.68 -2.81
CA ILE A 189 -8.90 38.20 -4.07
C ILE A 189 -8.66 37.06 -5.06
N PRO A 190 -9.48 36.99 -6.13
CA PRO A 190 -9.23 35.95 -7.12
C PRO A 190 -7.86 36.17 -7.75
N ARG A 191 -7.13 35.10 -7.98
CA ARG A 191 -5.80 35.26 -8.50
C ARG A 191 -5.37 33.96 -9.15
N ARG A 192 -4.32 34.02 -9.96
CA ARG A 192 -3.62 32.83 -10.44
C ARG A 192 -2.15 32.94 -10.13
N ASN A 193 -1.43 31.82 -10.24
CA ASN A 193 0.00 31.81 -9.96
C ASN A 193 0.29 32.28 -8.53
N ASN A 194 -0.68 32.00 -7.65
CA ASN A 194 -0.52 32.15 -6.23
C ASN A 194 0.10 30.91 -5.60
N CYS A 195 0.78 31.09 -4.48
CA CYS A 195 1.51 30.04 -3.80
C CYS A 195 0.73 29.61 -2.54
N GLY A 196 0.59 28.30 -2.36
CA GLY A 196 -0.16 27.79 -1.22
C GLY A 196 0.76 27.00 -0.31
N VAL A 197 0.64 27.22 0.99
CA VAL A 197 1.45 26.43 1.91
C VAL A 197 0.75 26.27 3.26
N THR A 198 0.98 25.14 3.92
CA THR A 198 0.40 24.95 5.24
C THR A 198 1.41 25.29 6.34
N SER A 199 0.97 26.13 7.28
CA SER A 199 1.81 26.52 8.41
C SER A 199 0.99 26.61 9.68
N ASN A 200 1.36 25.76 10.64
CA ASN A 200 0.76 25.73 11.97
C ASN A 200 -0.76 25.77 11.95
N GLY A 201 -1.37 24.80 11.29
CA GLY A 201 -2.82 24.66 11.32
C GLY A 201 -3.59 25.58 10.39
N ARG A 202 -2.87 26.37 9.59
CA ARG A 202 -3.51 27.27 8.62
C ARG A 202 -2.93 27.13 7.21
N ILE A 203 -3.77 27.37 6.21
CA ILE A 203 -3.31 27.42 4.82
C ILE A 203 -3.06 28.88 4.43
N TYR A 204 -1.90 29.16 3.84
CA TYR A 204 -1.60 30.52 3.37
C TYR A 204 -1.62 30.57 1.83
N CYS A 205 -2.19 31.65 1.32
CA CYS A 205 -2.37 31.89 -0.11
C CYS A 205 -1.59 33.17 -0.46
N ILE A 206 -0.52 33.01 -1.23
CA ILE A 206 0.49 34.05 -1.31
C ILE A 206 0.76 34.56 -2.72
N GLY A 207 0.59 35.87 -2.90
CA GLY A 207 0.98 36.50 -4.15
C GLY A 207 0.11 36.12 -5.32
N GLY A 208 0.71 36.13 -6.49
CA GLY A 208 0.00 35.78 -7.70
C GLY A 208 -0.44 36.97 -8.53
N TYR A 209 -1.38 36.73 -9.42
CA TYR A 209 -1.81 37.68 -10.42
C TYR A 209 -3.33 37.78 -10.43
N ASP A 210 -3.87 38.95 -10.12
CA ASP A 210 -5.30 39.10 -9.88
C ASP A 210 -6.10 39.26 -11.16
N GLY A 211 -5.43 39.09 -12.30
CA GLY A 211 -6.12 39.26 -13.57
C GLY A 211 -5.73 40.49 -14.35
N SER A 212 -5.13 41.47 -13.68
CA SER A 212 -4.66 42.69 -14.32
C SER A 212 -3.28 43.12 -13.79
N SER A 213 -3.02 42.86 -12.50
CA SER A 213 -1.71 43.15 -11.96
C SER A 213 -1.15 42.07 -11.03
N ILE A 214 0.16 42.16 -10.82
CA ILE A 214 0.88 41.31 -9.88
C ILE A 214 0.77 41.82 -8.44
N ILE A 215 0.23 40.99 -7.55
CA ILE A 215 -0.14 41.46 -6.23
C ILE A 215 0.75 40.92 -5.08
N PRO A 216 0.78 41.67 -3.95
CA PRO A 216 1.56 41.24 -2.78
C PRO A 216 0.69 40.53 -1.74
N ASN A 217 -0.62 40.51 -1.98
CA ASN A 217 -1.59 40.11 -0.95
C ASN A 217 -1.46 38.66 -0.51
N VAL A 218 -1.70 38.44 0.77
CA VAL A 218 -1.62 37.12 1.37
C VAL A 218 -2.88 36.82 2.17
N GLU A 219 -3.49 35.65 1.93
CA GLU A 219 -4.66 35.22 2.69
C GLU A 219 -4.42 33.94 3.49
N ALA A 220 -5.10 33.83 4.61
CA ALA A 220 -5.00 32.65 5.46
C ALA A 220 -6.36 31.96 5.59
N TYR A 221 -6.37 30.63 5.43
CA TYR A 221 -7.58 29.85 5.70
C TYR A 221 -7.52 29.27 7.12
N ASP A 222 -8.52 29.53 7.95
CA ASP A 222 -8.62 28.91 9.29
C ASP A 222 -9.84 28.00 9.32
N HIS A 223 -9.67 26.75 9.73
CA HIS A 223 -10.75 25.77 9.57
C HIS A 223 -11.85 25.91 10.63
N ARG A 224 -11.49 26.50 11.77
CA ARG A 224 -12.46 26.82 12.82
C ARG A 224 -13.32 27.96 12.27
N MET A 225 -12.67 28.94 11.63
CA MET A 225 -13.37 30.06 11.02
C MET A 225 -14.14 29.64 9.79
N LYS A 226 -13.61 28.61 9.12
CA LYS A 226 -14.16 28.17 7.85
C LYS A 226 -14.26 29.36 6.89
N ALA A 227 -13.14 30.02 6.73
CA ALA A 227 -13.10 31.25 5.94
C ALA A 227 -11.68 31.64 5.55
N TRP A 228 -11.55 32.29 4.41
CA TRP A 228 -10.30 32.95 4.07
C TRP A 228 -10.29 34.37 4.65
N VAL A 229 -9.22 34.71 5.36
CA VAL A 229 -9.04 36.07 5.88
C VAL A 229 -7.70 36.65 5.46
N GLU A 230 -7.67 37.94 5.11
CA GLU A 230 -6.42 38.54 4.66
C GLU A 230 -5.47 38.79 5.84
N VAL A 231 -4.18 38.62 5.62
CA VAL A 231 -3.17 38.88 6.66
C VAL A 231 -2.09 39.79 6.08
N ALA A 232 -0.97 39.95 6.78
CA ALA A 232 0.06 40.88 6.32
C ALA A 232 0.53 40.52 4.92
N PRO A 233 0.59 41.52 4.02
CA PRO A 233 1.07 41.34 2.65
C PRO A 233 2.59 41.20 2.59
N LEU A 234 3.08 40.71 1.46
CA LEU A 234 4.50 40.63 1.15
C LEU A 234 5.03 42.05 0.94
N ASN A 235 6.31 42.27 1.18
CA ASN A 235 6.89 43.59 0.93
C ASN A 235 7.12 43.91 -0.56
N THR A 236 7.15 42.87 -1.39
CA THR A 236 7.32 42.95 -2.85
C THR A 236 6.28 42.10 -3.57
N PRO A 237 5.50 42.71 -4.46
CA PRO A 237 4.51 41.87 -5.18
C PRO A 237 5.20 40.73 -5.96
N ARG A 238 4.63 39.53 -5.91
CA ARG A 238 5.21 38.40 -6.58
C ARG A 238 4.19 37.50 -7.22
N SER A 239 4.47 37.08 -8.44
CA SER A 239 3.70 36.04 -9.08
C SER A 239 4.61 34.83 -9.38
N SER A 240 4.05 33.62 -9.30
CA SER A 240 4.78 32.37 -9.59
C SER A 240 6.03 32.25 -8.72
N ALA A 241 5.91 32.71 -7.47
CA ALA A 241 6.95 32.50 -6.47
C ALA A 241 6.91 31.06 -5.91
N MET A 242 7.89 30.73 -5.09
CA MET A 242 7.91 29.43 -4.44
C MET A 242 7.89 29.56 -2.94
N CYS A 243 7.13 28.70 -2.27
CA CYS A 243 6.98 28.88 -0.83
C CYS A 243 7.19 27.57 -0.12
N VAL A 244 7.59 27.67 1.13
CA VAL A 244 7.89 26.48 1.89
C VAL A 244 7.78 26.90 3.33
N ALA A 245 7.20 26.04 4.16
CA ALA A 245 7.02 26.36 5.56
C ALA A 245 7.59 25.30 6.46
N PHE A 246 8.44 25.76 7.38
CA PHE A 246 8.98 24.90 8.44
C PHE A 246 9.57 25.73 9.59
N ASP A 247 9.61 25.16 10.81
CA ASP A 247 10.16 25.87 11.98
C ASP A 247 9.40 27.19 12.25
N ASN A 248 8.08 27.11 12.19
CA ASN A 248 7.20 28.27 12.43
C ASN A 248 7.50 29.50 11.55
N LYS A 249 7.99 29.28 10.34
CA LYS A 249 8.26 30.37 9.41
C LYS A 249 7.73 30.06 8.00
N ILE A 250 7.40 31.09 7.22
CA ILE A 250 7.07 30.85 5.82
C ILE A 250 8.06 31.58 4.92
N TYR A 251 8.69 30.85 4.01
CA TYR A 251 9.64 31.41 3.05
C TYR A 251 9.00 31.51 1.68
N VAL A 252 8.96 32.72 1.15
CA VAL A 252 8.51 32.94 -0.23
C VAL A 252 9.76 33.28 -1.03
N ILE A 253 9.99 32.55 -2.11
CA ILE A 253 11.27 32.60 -2.80
C ILE A 253 11.06 32.85 -4.29
N GLY A 254 11.72 33.88 -4.79
CA GLY A 254 11.72 34.15 -6.22
C GLY A 254 10.37 34.64 -6.72
N GLY A 255 10.00 34.21 -7.91
CA GLY A 255 8.80 34.75 -8.51
C GLY A 255 9.16 35.88 -9.46
N THR A 256 8.15 36.53 -10.00
CA THR A 256 8.37 37.55 -11.01
C THR A 256 7.41 38.70 -10.74
N ASN A 257 7.88 39.93 -10.91
CA ASN A 257 6.98 41.08 -10.82
C ASN A 257 7.08 41.91 -12.10
N GLY A 258 7.82 41.37 -13.05
CA GLY A 258 8.13 42.07 -14.29
C GLY A 258 9.51 41.57 -14.65
N GLU A 259 10.32 41.41 -13.61
CA GLU A 259 11.57 40.69 -13.71
C GLU A 259 11.49 39.51 -12.76
N ARG A 260 12.17 38.42 -13.10
CA ARG A 260 12.30 37.34 -12.15
C ARG A 260 13.12 37.88 -10.98
N LEU A 261 12.82 37.41 -9.77
CA LEU A 261 13.47 37.88 -8.56
C LEU A 261 14.36 36.81 -7.96
N ASN A 262 15.33 37.24 -7.17
CA ASN A 262 16.17 36.32 -6.43
C ASN A 262 16.02 36.59 -4.93
N SER A 263 15.10 37.49 -4.60
CA SER A 263 14.86 37.88 -3.23
C SER A 263 13.94 36.90 -2.51
N ILE A 264 14.03 36.91 -1.19
CA ILE A 264 13.30 35.97 -0.35
C ILE A 264 12.69 36.68 0.86
N GLU A 265 11.42 36.41 1.14
CA GLU A 265 10.77 37.02 2.30
C GLU A 265 10.38 35.95 3.30
N VAL A 266 10.52 36.29 4.58
CA VAL A 266 10.21 35.35 5.65
C VAL A 266 9.05 35.82 6.49
N TYR A 267 8.08 34.92 6.69
CA TYR A 267 6.92 35.25 7.50
C TYR A 267 7.11 34.56 8.83
N GLU A 268 7.25 35.35 9.88
CA GLU A 268 7.22 34.81 11.23
C GLU A 268 5.74 34.65 11.54
N GLU A 269 5.28 33.40 11.50
CA GLU A 269 3.87 33.11 11.70
C GLU A 269 3.40 33.75 13.01
N LYS A 270 4.22 33.59 14.05
CA LYS A 270 3.91 34.10 15.39
C LYS A 270 3.82 35.64 15.50
N MET A 271 4.36 36.38 14.54
CA MET A 271 4.37 37.83 14.69
C MET A 271 3.55 38.54 13.61
N ASN A 272 2.98 37.78 12.68
CA ASN A 272 2.27 38.35 11.53
C ASN A 272 3.06 39.47 10.83
N LYS A 273 4.34 39.21 10.60
CA LYS A 273 5.26 40.19 10.02
C LYS A 273 6.21 39.53 9.01
N TRP A 274 6.26 40.06 7.78
CA TRP A 274 7.24 39.60 6.77
C TRP A 274 8.53 40.40 6.81
N GLU A 275 9.65 39.73 6.98
CA GLU A 275 10.95 40.38 6.95
C GLU A 275 11.71 39.93 5.70
N GLN A 276 12.63 40.76 5.22
CA GLN A 276 13.48 40.37 4.13
C GLN A 276 14.47 39.29 4.60
N PHE A 277 14.66 38.27 3.78
CA PHE A 277 15.64 37.22 4.07
C PHE A 277 17.00 37.66 3.49
N PRO A 278 18.06 37.61 4.31
CA PRO A 278 19.37 38.18 3.98
C PRO A 278 20.11 37.55 2.79
N TYR A 279 19.77 36.33 2.40
CA TYR A 279 20.56 35.56 1.43
C TYR A 279 19.80 35.21 0.16
N ALA A 280 20.00 36.00 -0.88
CA ALA A 280 19.30 35.81 -2.15
C ALA A 280 19.71 34.54 -2.88
N LEU A 281 18.96 34.22 -3.93
CA LEU A 281 19.25 33.07 -4.80
C LEU A 281 20.46 33.36 -5.68
N LEU A 282 21.15 32.31 -6.10
CA LEU A 282 22.22 32.48 -7.06
C LEU A 282 21.61 32.77 -8.43
N GLU A 283 20.54 32.05 -8.78
CA GLU A 283 19.83 32.29 -10.05
C GLU A 283 18.43 32.84 -9.77
N ALA A 284 18.12 34.04 -10.26
CA ALA A 284 16.78 34.60 -10.04
C ALA A 284 15.81 33.77 -10.89
N ARG A 285 14.63 33.49 -10.36
CA ARG A 285 13.71 32.61 -11.09
C ARG A 285 12.26 32.63 -10.63
N SER A 286 11.40 32.20 -11.53
CA SER A 286 10.00 31.99 -11.22
C SER A 286 9.60 30.58 -11.70
N SER A 287 8.37 30.18 -11.36
CA SER A 287 7.78 28.95 -11.87
C SER A 287 8.57 27.67 -11.58
N GLY A 288 9.38 27.70 -10.51
CA GLY A 288 10.10 26.51 -10.09
C GLY A 288 9.40 25.84 -8.90
N ALA A 289 10.18 25.41 -7.91
CA ALA A 289 9.60 24.84 -6.71
C ALA A 289 10.64 24.88 -5.61
N ALA A 290 10.15 24.96 -4.39
CA ALA A 290 11.01 24.97 -3.23
C ALA A 290 10.56 23.92 -2.25
N PHE A 291 11.50 23.35 -1.53
CA PHE A 291 11.12 22.45 -0.48
C PHE A 291 12.15 22.39 0.63
N ASN A 292 11.76 21.68 1.67
CA ASN A 292 12.48 21.62 2.92
C ASN A 292 12.80 20.18 3.37
N TYR A 293 14.05 19.95 3.79
CA TYR A 293 14.42 18.70 4.47
C TYR A 293 15.36 19.05 5.61
N LEU A 294 14.99 18.60 6.81
CA LEU A 294 15.61 19.04 8.07
C LEU A 294 15.67 20.58 8.10
N ASN A 295 16.85 21.15 8.23
CA ASN A 295 16.97 22.60 8.33
C ASN A 295 17.18 23.26 6.97
N GLN A 296 17.30 22.44 5.92
CA GLN A 296 17.75 22.95 4.63
C GLN A 296 16.62 23.22 3.63
N ILE A 297 16.79 24.29 2.86
CA ILE A 297 15.84 24.70 1.83
C ILE A 297 16.38 24.32 0.44
N TYR A 298 15.50 23.91 -0.46
CA TYR A 298 15.92 23.55 -1.81
C TYR A 298 15.08 24.32 -2.81
N VAL A 299 15.65 24.61 -3.96
CA VAL A 299 14.95 25.33 -5.04
C VAL A 299 15.29 24.57 -6.33
N VAL A 300 14.28 24.26 -7.15
CA VAL A 300 14.49 23.46 -8.35
CA VAL A 300 14.47 23.44 -8.35
C VAL A 300 13.75 24.00 -9.57
N GLY A 301 14.40 23.92 -10.73
CA GLY A 301 13.79 24.26 -12.00
C GLY A 301 13.29 25.69 -12.12
N GLY A 302 12.36 25.89 -13.06
CA GLY A 302 11.78 27.20 -13.29
C GLY A 302 12.28 27.86 -14.57
N ILE A 303 12.38 29.19 -14.52
CA ILE A 303 12.80 29.98 -15.66
C ILE A 303 13.52 31.25 -15.16
N ASP A 304 14.59 31.66 -15.84
CA ASP A 304 15.39 32.78 -15.36
C ASP A 304 15.00 34.09 -16.03
N ASN A 305 15.74 35.16 -15.75
CA ASN A 305 15.35 36.42 -16.34
C ASN A 305 15.69 36.55 -17.82
N GLU A 306 16.51 35.63 -18.34
CA GLU A 306 16.82 35.55 -19.78
C GLU A 306 15.88 34.57 -20.51
N HIS A 307 14.80 34.20 -19.81
CA HIS A 307 13.74 33.34 -20.33
C HIS A 307 14.21 31.92 -20.60
N ASN A 308 15.29 31.52 -19.95
CA ASN A 308 15.79 30.16 -20.02
C ASN A 308 15.13 29.28 -18.98
N ILE A 309 14.60 28.16 -19.44
CA ILE A 309 14.02 27.13 -18.58
C ILE A 309 15.11 26.32 -17.89
N LEU A 310 15.04 26.26 -16.57
CA LEU A 310 16.16 25.80 -15.76
C LEU A 310 16.06 24.34 -15.34
N ASP A 311 17.21 23.73 -15.06
CA ASP A 311 17.24 22.41 -14.46
C ASP A 311 18.04 22.48 -13.16
N SER A 312 18.50 23.69 -12.86
CA SER A 312 19.40 23.90 -11.73
C SER A 312 18.70 23.78 -10.37
N VAL A 313 19.48 23.36 -9.39
CA VAL A 313 19.00 23.18 -8.03
C VAL A 313 19.90 23.95 -7.09
N GLU A 314 19.29 24.70 -6.17
CA GLU A 314 20.04 25.43 -5.16
C GLU A 314 19.65 24.94 -3.77
N GLN A 315 20.66 24.68 -2.95
CA GLN A 315 20.43 24.32 -1.56
C GLN A 315 20.94 25.43 -0.65
N TYR A 316 20.15 25.79 0.37
CA TYR A 316 20.60 26.75 1.38
C TYR A 316 21.08 26.02 2.62
N GLN A 317 22.36 26.21 2.94
CA GLN A 317 23.00 25.59 4.09
C GLN A 317 23.10 26.58 5.25
N PRO A 318 22.29 26.38 6.30
CA PRO A 318 22.31 27.32 7.42
C PRO A 318 23.68 27.36 8.11
N PHE A 319 24.41 26.26 8.08
CA PHE A 319 25.77 26.22 8.62
C PHE A 319 26.67 27.28 7.98
N ASN A 320 26.63 27.35 6.64
CA ASN A 320 27.47 28.27 5.89
C ASN A 320 26.78 29.57 5.49
N LYS A 321 25.48 29.64 5.76
CA LYS A 321 24.68 30.83 5.49
C LYS A 321 24.89 31.38 4.06
N ARG A 322 24.76 30.51 3.07
CA ARG A 322 24.79 30.90 1.66
C ARG A 322 24.10 29.83 0.84
N TRP A 323 23.63 30.22 -0.35
CA TRP A 323 23.09 29.27 -1.32
C TRP A 323 24.22 28.67 -2.16
N GLN A 324 24.14 27.37 -2.41
CA GLN A 324 25.09 26.65 -3.26
C GLN A 324 24.32 25.77 -4.23
N PHE A 325 24.86 25.57 -5.44
CA PHE A 325 24.24 24.64 -6.40
C PHE A 325 24.46 23.17 -6.05
N LEU A 326 23.53 22.31 -6.47
CA LEU A 326 23.73 20.86 -6.42
C LEU A 326 23.72 20.32 -7.86
N ASN A 327 23.65 19.02 -8.04
CA ASN A 327 23.45 18.51 -9.39
C ASN A 327 22.02 18.84 -9.82
N GLY A 328 21.82 19.10 -11.10
CA GLY A 328 20.53 19.54 -11.60
C GLY A 328 19.51 18.43 -11.76
N VAL A 329 18.29 18.78 -12.16
CA VAL A 329 17.30 17.78 -12.49
C VAL A 329 17.61 17.24 -13.88
N PRO A 330 17.32 15.95 -14.10
CA PRO A 330 17.70 15.22 -15.32
C PRO A 330 17.21 15.91 -16.56
N GLU A 331 16.12 16.65 -16.39
CA GLU A 331 15.55 17.41 -17.48
C GLU A 331 15.07 18.77 -16.96
N LYS A 332 15.16 19.82 -17.78
CA LYS A 332 14.69 21.13 -17.33
C LYS A 332 13.19 21.23 -17.46
N LYS A 333 12.60 21.98 -16.53
CA LYS A 333 11.15 22.15 -16.54
C LYS A 333 10.70 23.35 -15.67
N MET A 334 9.59 23.95 -16.09
CA MET A 334 8.91 24.96 -15.30
C MET A 334 7.42 24.57 -15.22
N ASN A 335 6.71 25.13 -14.22
CA ASN A 335 5.30 24.83 -14.02
C ASN A 335 5.02 23.33 -13.91
N PHE A 336 5.79 22.67 -13.08
CA PHE A 336 5.54 21.30 -12.72
C PHE A 336 4.76 21.24 -11.38
N GLY A 337 4.30 20.04 -11.02
CA GLY A 337 3.74 19.80 -9.71
C GLY A 337 4.80 19.12 -8.88
N ALA A 338 4.86 19.39 -7.59
CA ALA A 338 5.89 18.79 -6.75
C ALA A 338 5.53 18.80 -5.26
N ALA A 339 6.08 17.85 -4.51
CA ALA A 339 5.82 17.78 -3.07
C ALA A 339 6.84 16.86 -2.39
N THR A 340 7.08 17.10 -1.11
CA THR A 340 7.99 16.25 -0.34
C THR A 340 7.23 15.05 0.24
N LEU A 341 7.90 13.91 0.26
CA LEU A 341 7.45 12.72 0.98
C LEU A 341 8.31 12.53 2.23
N SER A 342 8.13 11.42 2.93
CA SER A 342 8.95 11.12 4.11
C SER A 342 10.42 10.92 3.77
N ASP A 343 10.70 10.20 2.70
CA ASP A 343 12.09 9.98 2.32
C ASP A 343 12.56 10.98 1.27
N SER A 344 11.63 11.34 0.38
CA SER A 344 11.99 11.94 -0.88
C SER A 344 11.35 13.28 -1.21
N TYR A 345 11.56 13.67 -2.46
CA TYR A 345 10.87 14.78 -3.06
C TYR A 345 10.47 14.30 -4.45
N ILE A 346 9.20 14.46 -4.80
CA ILE A 346 8.76 14.06 -6.14
C ILE A 346 8.43 15.28 -7.02
N ILE A 347 8.70 15.14 -8.31
CA ILE A 347 8.48 16.17 -9.30
C ILE A 347 7.71 15.56 -10.44
N THR A 348 6.62 16.20 -10.88
CA THR A 348 5.86 15.62 -11.97
C THR A 348 5.57 16.63 -13.07
N GLY A 349 5.66 16.17 -14.33
CA GLY A 349 5.26 16.97 -15.47
C GLY A 349 6.01 18.28 -15.69
N GLY A 350 5.27 19.30 -16.10
CA GLY A 350 5.87 20.57 -16.45
C GLY A 350 5.94 20.83 -17.95
N GLU A 351 6.64 21.90 -18.31
CA GLU A 351 6.80 22.28 -19.70
C GLU A 351 8.24 22.72 -19.91
N ASN A 352 8.77 22.54 -21.12
CA ASN A 352 10.11 22.99 -21.44
C ASN A 352 10.32 23.15 -22.94
N GLY A 353 9.32 23.68 -23.63
CA GLY A 353 9.31 23.64 -25.08
C GLY A 353 8.24 22.62 -25.45
N GLU A 354 8.36 21.42 -24.86
CA GLU A 354 7.31 20.41 -24.94
C GLU A 354 6.53 20.27 -23.60
N VAL A 355 5.27 19.81 -23.70
CA VAL A 355 4.46 19.43 -22.54
C VAL A 355 4.92 18.08 -21.97
N LEU A 356 5.27 18.03 -20.68
CA LEU A 356 5.90 16.84 -20.09
C LEU A 356 4.99 15.91 -19.26
N ASN A 357 5.38 14.65 -19.20
CA ASN A 357 4.72 13.67 -18.32
C ASN A 357 5.74 12.98 -17.43
N SER A 358 6.98 13.45 -17.50
CA SER A 358 8.07 12.81 -16.75
C SER A 358 8.03 13.08 -15.25
N CYS A 359 8.51 12.11 -14.47
CA CYS A 359 8.53 12.22 -13.01
CA CYS A 359 8.53 12.24 -13.02
C CYS A 359 9.84 11.71 -12.43
N HIS A 360 10.34 12.40 -11.40
CA HIS A 360 11.62 12.07 -10.82
C HIS A 360 11.54 12.22 -9.32
N PHE A 361 12.29 11.38 -8.61
CA PHE A 361 12.43 11.49 -7.17
C PHE A 361 13.82 11.98 -6.82
N PHE A 362 13.90 12.82 -5.79
CA PHE A 362 15.18 13.33 -5.31
C PHE A 362 15.41 12.75 -3.93
N SER A 363 16.62 12.26 -3.69
CA SER A 363 16.98 11.81 -2.36
C SER A 363 17.99 12.73 -1.70
N PRO A 364 17.67 13.27 -0.51
CA PRO A 364 18.62 14.13 0.19
C PRO A 364 19.79 13.31 0.71
N ASP A 365 19.68 11.99 0.55
CA ASP A 365 20.73 11.07 0.94
C ASP A 365 21.85 11.04 -0.10
N THR A 366 21.55 11.44 -1.32
CA THR A 366 22.56 11.39 -2.38
C THR A 366 22.62 12.68 -3.16
N ASN A 367 21.58 13.48 -3.01
CA ASN A 367 21.27 14.61 -3.87
C ASN A 367 21.29 14.21 -5.33
N GLU A 368 20.66 13.08 -5.64
CA GLU A 368 20.56 12.65 -7.04
C GLU A 368 19.11 12.40 -7.38
N TRP A 369 18.84 12.22 -8.67
CA TRP A 369 17.46 12.15 -9.15
C TRP A 369 17.14 10.83 -9.83
N GLN A 370 16.25 10.05 -9.20
CA GLN A 370 15.84 8.76 -9.72
C GLN A 370 14.59 8.91 -10.59
N LEU A 371 14.59 8.26 -11.76
CA LEU A 371 13.45 8.34 -12.65
C LEU A 371 12.24 7.63 -12.05
N GLY A 372 11.05 8.20 -12.24
CA GLY A 372 9.82 7.65 -11.71
C GLY A 372 8.87 7.30 -12.83
N PRO A 373 7.69 6.76 -12.49
CA PRO A 373 6.66 6.43 -13.47
C PRO A 373 6.07 7.70 -14.09
N SER A 374 5.56 7.60 -15.32
CA SER A 374 5.08 8.78 -16.04
C SER A 374 3.59 8.97 -15.91
N LEU A 375 3.19 10.24 -15.85
CA LEU A 375 1.79 10.63 -15.76
C LEU A 375 1.05 10.06 -16.96
N LEU A 376 -0.22 9.74 -16.76
CA LEU A 376 -1.03 9.27 -17.86
C LEU A 376 -1.28 10.41 -18.83
N VAL A 377 -1.63 11.56 -18.27
CA VAL A 377 -1.88 12.76 -19.06
C VAL A 377 -0.79 13.76 -18.82
N PRO A 378 0.08 13.95 -19.83
CA PRO A 378 1.13 14.99 -19.74
C PRO A 378 0.49 16.34 -19.49
N ARG A 379 1.05 17.12 -18.56
CA ARG A 379 0.40 18.36 -18.11
C ARG A 379 1.38 19.33 -17.43
N PHE A 380 1.03 20.60 -17.48
CA PHE A 380 1.75 21.58 -16.67
C PHE A 380 0.79 22.59 -16.03
N GLY A 381 1.28 23.39 -15.10
CA GLY A 381 0.40 24.26 -14.33
C GLY A 381 -0.49 23.51 -13.35
N HIS A 382 -0.14 22.25 -13.10
CA HIS A 382 -0.86 21.36 -12.20
C HIS A 382 -0.19 21.32 -10.84
N SER A 383 -0.79 20.63 -9.87
CA SER A 383 -0.17 20.49 -8.56
CA SER A 383 -0.17 20.50 -8.56
C SER A 383 0.00 19.03 -8.17
N VAL A 384 0.89 18.79 -7.20
CA VAL A 384 1.00 17.53 -6.50
C VAL A 384 0.75 17.70 -4.99
N LEU A 385 -0.14 16.87 -4.43
CA LEU A 385 -0.40 16.86 -2.97
C LEU A 385 -0.34 15.43 -2.39
N ILE A 386 0.14 15.33 -1.16
CA ILE A 386 0.33 14.04 -0.49
C ILE A 386 -0.61 13.89 0.68
N ALA A 387 -1.44 12.84 0.65
CA ALA A 387 -2.29 12.56 1.80
C ALA A 387 -1.68 11.42 2.61
N ASN A 388 -1.53 11.64 3.92
CA ASN A 388 -1.08 10.60 4.85
C ASN A 388 -2.16 10.22 5.84
N ILE A 389 -3.15 9.48 5.36
CA ILE A 389 -4.31 9.10 6.18
C ILE A 389 -4.07 7.84 7.02
N MET B 14 25.09 10.46 9.49
CA MET B 14 25.47 9.87 8.22
C MET B 14 26.40 8.66 8.44
N ILE B 15 25.86 7.46 8.22
CA ILE B 15 26.55 6.21 8.49
C ILE B 15 27.30 5.63 7.27
N ASP B 16 28.48 5.07 7.50
CA ASP B 16 29.16 4.25 6.50
C ASP B 16 28.97 2.78 6.88
N ILE B 17 28.52 1.96 5.93
CA ILE B 17 28.35 0.52 6.16
C ILE B 17 29.18 -0.28 5.15
N ASN B 18 29.70 -1.42 5.60
CA ASN B 18 30.56 -2.27 4.77
C ASN B 18 29.85 -3.56 4.39
N VAL B 19 29.38 -3.66 3.15
CA VAL B 19 28.71 -4.86 2.71
C VAL B 19 29.48 -5.55 1.59
N GLY B 20 30.04 -6.72 1.89
CA GLY B 20 30.84 -7.48 0.94
C GLY B 20 32.01 -6.68 0.39
N GLY B 21 32.64 -5.91 1.27
CA GLY B 21 33.80 -5.11 0.89
C GLY B 21 33.44 -3.79 0.24
N ALA B 22 32.20 -3.63 -0.19
CA ALA B 22 31.78 -2.38 -0.79
C ALA B 22 31.25 -1.45 0.29
N ILE B 23 31.61 -0.18 0.18
CA ILE B 23 31.18 0.80 1.18
C ILE B 23 29.99 1.64 0.67
N PHE B 24 29.02 1.81 1.54
CA PHE B 24 27.83 2.57 1.23
C PHE B 24 27.67 3.67 2.27
N GLU B 25 27.59 4.91 1.80
CA GLU B 25 27.39 6.05 2.68
C GLU B 25 25.92 6.41 2.70
N THR B 26 25.31 6.35 3.87
CA THR B 26 23.89 6.64 4.00
C THR B 26 23.59 7.14 5.40
N SER B 27 22.32 7.13 5.79
CA SER B 27 21.93 7.53 7.14
C SER B 27 21.16 6.44 7.93
N ARG B 28 21.24 6.55 9.25
CA ARG B 28 20.54 5.65 10.17
C ARG B 28 19.03 5.68 9.90
N HIS B 29 18.53 6.86 9.56
CA HIS B 29 17.14 7.05 9.19
C HIS B 29 16.72 6.06 8.10
N THR B 30 17.54 5.99 7.05
CA THR B 30 17.25 5.19 5.87
C THR B 30 17.26 3.70 6.18
N LEU B 31 18.23 3.28 6.99
CA LEU B 31 18.44 1.88 7.31
C LEU B 31 17.54 1.38 8.43
N THR B 32 16.83 2.27 9.12
CA THR B 32 15.97 1.81 10.22
C THR B 32 14.48 2.11 10.00
N GLN B 33 14.08 2.45 8.77
CA GLN B 33 12.68 2.76 8.46
C GLN B 33 11.71 1.60 8.78
N GLN B 34 12.21 0.38 8.81
CA GLN B 34 11.33 -0.74 9.06
C GLN B 34 11.62 -1.28 10.45
N LYS B 35 10.77 -0.91 11.40
CA LYS B 35 10.96 -1.26 12.80
C LYS B 35 11.05 -2.76 12.92
N ASP B 36 11.99 -3.21 13.74
CA ASP B 36 12.17 -4.62 14.08
C ASP B 36 12.66 -5.48 12.91
N SER B 37 13.04 -4.83 11.81
CA SER B 37 13.73 -5.55 10.76
C SER B 37 15.10 -5.88 11.34
N PHE B 38 15.74 -6.91 10.81
CA PHE B 38 17.05 -7.33 11.32
C PHE B 38 18.11 -6.26 11.14
N ILE B 39 17.95 -5.44 10.11
CA ILE B 39 18.97 -4.45 9.82
C ILE B 39 18.76 -3.23 10.73
N GLU B 40 17.51 -3.00 11.12
CA GLU B 40 17.23 -1.90 12.04
C GLU B 40 17.80 -2.27 13.41
N LYS B 41 17.55 -3.50 13.84
CA LYS B 41 18.11 -4.03 15.08
C LYS B 41 19.63 -3.85 15.13
N LEU B 42 20.26 -3.97 13.97
CA LEU B 42 21.70 -3.79 13.85
C LEU B 42 22.10 -2.33 14.07
N LEU B 43 21.46 -1.43 13.32
CA LEU B 43 21.81 -0.01 13.34
C LEU B 43 21.09 0.75 14.45
N SER B 44 20.77 0.06 15.54
CA SER B 44 20.10 0.69 16.67
C SER B 44 20.62 0.10 17.98
N GLY B 45 21.64 -0.74 17.87
CA GLY B 45 22.37 -1.21 19.03
C GLY B 45 21.70 -2.31 19.84
N ARG B 46 20.67 -2.94 19.28
CA ARG B 46 19.98 -3.98 20.01
C ARG B 46 20.35 -5.37 19.46
N HIS B 47 21.47 -5.44 18.76
CA HIS B 47 21.93 -6.73 18.26
C HIS B 47 23.42 -6.65 17.93
N HIS B 48 24.17 -7.68 18.35
CA HIS B 48 25.62 -7.78 18.12
C HIS B 48 25.99 -7.46 16.69
N VAL B 49 26.84 -6.44 16.50
CA VAL B 49 27.34 -6.12 15.19
C VAL B 49 28.82 -6.53 15.07
N THR B 50 29.25 -6.89 13.86
CA THR B 50 30.66 -7.09 13.54
C THR B 50 31.20 -5.89 12.76
N ARG B 51 32.40 -5.41 13.10
CA ARG B 51 32.91 -4.25 12.40
C ARG B 51 34.27 -4.49 11.75
N ASP B 52 34.59 -3.70 10.74
CA ASP B 52 35.89 -3.80 10.09
C ASP B 52 36.94 -2.97 10.82
N LYS B 53 38.17 -3.01 10.33
CA LYS B 53 39.29 -2.30 10.92
C LYS B 53 39.05 -0.79 10.89
N GLN B 54 38.42 -0.32 9.82
CA GLN B 54 38.18 1.11 9.68
C GLN B 54 37.01 1.56 10.55
N GLY B 55 36.44 0.62 11.30
CA GLY B 55 35.40 0.90 12.27
C GLY B 55 33.95 0.64 11.85
N ARG B 56 33.72 0.64 10.54
CA ARG B 56 32.36 0.52 10.01
C ARG B 56 31.70 -0.83 10.21
N ILE B 57 30.38 -0.82 10.41
CA ILE B 57 29.58 -2.04 10.45
C ILE B 57 29.86 -2.89 9.19
N PHE B 58 30.00 -4.21 9.38
CA PHE B 58 30.37 -5.08 8.26
C PHE B 58 29.42 -6.27 8.09
N LEU B 59 28.97 -6.44 6.85
CA LEU B 59 28.09 -7.53 6.47
C LEU B 59 28.70 -8.32 5.33
N ASP B 60 28.92 -9.61 5.57
CA ASP B 60 29.52 -10.46 4.57
C ASP B 60 28.47 -11.00 3.62
N ARG B 61 27.89 -10.11 2.83
CA ARG B 61 26.83 -10.45 1.90
C ARG B 61 27.02 -9.81 0.54
N ASP B 62 26.14 -10.18 -0.39
CA ASP B 62 26.26 -9.69 -1.75
C ASP B 62 26.06 -8.19 -1.84
N SER B 63 27.06 -7.53 -2.42
CA SER B 63 27.11 -6.08 -2.51
C SER B 63 26.06 -5.52 -3.45
N GLU B 64 25.90 -6.13 -4.61
CA GLU B 64 24.95 -5.66 -5.60
C GLU B 64 23.49 -5.76 -5.10
N LEU B 65 23.16 -6.86 -4.43
CA LEU B 65 21.83 -7.01 -3.86
C LEU B 65 21.59 -5.91 -2.81
N PHE B 66 22.61 -5.59 -2.02
CA PHE B 66 22.45 -4.54 -1.04
C PHE B 66 22.22 -3.19 -1.72
N ARG B 67 22.97 -2.93 -2.78
CA ARG B 67 22.81 -1.69 -3.53
C ARG B 67 21.37 -1.49 -3.99
N ILE B 68 20.80 -2.54 -4.57
CA ILE B 68 19.42 -2.53 -5.03
C ILE B 68 18.45 -2.24 -3.88
N ILE B 69 18.70 -2.88 -2.74
CA ILE B 69 17.86 -2.70 -1.55
C ILE B 69 17.96 -1.30 -0.97
N LEU B 70 19.18 -0.75 -0.97
CA LEU B 70 19.41 0.57 -0.40
C LEU B 70 18.72 1.61 -1.25
N ASN B 71 18.73 1.44 -2.57
CA ASN B 71 17.99 2.35 -3.44
C ASN B 71 16.50 2.26 -3.18
N PHE B 72 16.02 1.06 -2.87
CA PHE B 72 14.65 0.90 -2.49
C PHE B 72 14.35 1.69 -1.22
N LEU B 73 15.20 1.55 -0.21
CA LEU B 73 14.94 2.18 1.08
C LEU B 73 14.90 3.72 1.00
N ARG B 74 15.75 4.28 0.13
CA ARG B 74 15.79 5.71 -0.12
C ARG B 74 14.52 6.24 -0.77
N ASN B 75 13.78 5.37 -1.45
CA ASN B 75 12.46 5.71 -2.02
C ASN B 75 11.56 4.46 -2.10
N PRO B 76 10.88 4.14 -0.99
CA PRO B 76 10.06 2.94 -0.82
C PRO B 76 8.77 2.97 -1.64
N LEU B 77 8.57 4.05 -2.40
CA LEU B 77 7.45 4.16 -3.34
C LEU B 77 7.82 3.51 -4.65
N THR B 78 9.11 3.26 -4.85
CA THR B 78 9.57 2.64 -6.09
C THR B 78 10.17 1.27 -5.82
N ILE B 79 9.51 0.26 -6.38
CA ILE B 79 9.89 -1.12 -6.10
C ILE B 79 10.89 -1.58 -7.15
N PRO B 80 11.97 -2.23 -6.70
CA PRO B 80 12.98 -2.77 -7.61
C PRO B 80 12.38 -3.79 -8.58
N ILE B 81 12.90 -3.76 -9.80
CA ILE B 81 12.54 -4.71 -10.85
C ILE B 81 13.74 -5.60 -11.15
N PRO B 82 13.67 -6.88 -10.78
CA PRO B 82 14.84 -7.74 -11.02
C PRO B 82 15.05 -7.98 -12.50
N LYS B 83 16.30 -8.17 -12.91
CA LYS B 83 16.61 -8.33 -14.34
C LYS B 83 16.24 -9.73 -14.84
N ASP B 84 16.21 -10.71 -13.93
CA ASP B 84 15.82 -12.06 -14.31
C ASP B 84 15.32 -12.90 -13.12
N LEU B 85 14.92 -14.13 -13.42
CA LEU B 85 14.39 -15.06 -12.43
C LEU B 85 15.42 -15.30 -11.31
N SER B 86 16.69 -15.42 -11.68
CA SER B 86 17.75 -15.70 -10.73
C SER B 86 17.91 -14.60 -9.67
N GLU B 87 18.06 -13.37 -10.16
CA GLU B 87 18.19 -12.20 -9.29
C GLU B 87 16.89 -11.93 -8.51
N SER B 88 15.75 -12.23 -9.12
CA SER B 88 14.47 -12.07 -8.45
C SER B 88 14.38 -12.92 -7.21
N GLU B 89 14.78 -14.17 -7.33
CA GLU B 89 14.85 -15.08 -6.19
C GLU B 89 15.95 -14.68 -5.22
N ALA B 90 17.10 -14.30 -5.77
CA ALA B 90 18.24 -13.87 -4.96
C ALA B 90 17.90 -12.66 -4.08
N LEU B 91 17.16 -11.71 -4.65
CA LEU B 91 16.79 -10.46 -3.97
C LEU B 91 15.79 -10.67 -2.84
N LEU B 92 14.74 -11.44 -3.10
CA LEU B 92 13.74 -11.75 -2.08
C LEU B 92 14.38 -12.46 -0.89
N LYS B 93 15.18 -13.47 -1.18
CA LYS B 93 15.93 -14.20 -0.16
C LYS B 93 16.79 -13.24 0.69
N GLU B 94 17.49 -12.34 0.00
CA GLU B 94 18.32 -11.34 0.62
C GLU B 94 17.49 -10.36 1.48
N ALA B 95 16.39 -9.86 0.94
CA ALA B 95 15.52 -8.93 1.67
C ALA B 95 14.96 -9.61 2.92
N GLU B 96 14.68 -10.90 2.79
CA GLU B 96 14.21 -11.68 3.92
C GLU B 96 15.25 -11.75 5.04
N PHE B 97 16.52 -11.88 4.66
CA PHE B 97 17.61 -11.86 5.64
C PHE B 97 17.67 -10.52 6.40
N TYR B 98 17.55 -9.41 5.68
CA TYR B 98 17.63 -8.11 6.33
C TYR B 98 16.35 -7.80 7.08
N GLY B 99 15.29 -8.56 6.79
CA GLY B 99 13.99 -8.40 7.44
C GLY B 99 13.14 -7.31 6.81
N ILE B 100 13.45 -7.02 5.56
CA ILE B 100 12.88 -5.95 4.76
C ILE B 100 11.74 -6.39 3.85
N LYS B 101 10.65 -5.65 3.87
CA LYS B 101 9.55 -5.87 2.94
C LYS B 101 9.46 -4.77 1.90
N PHE B 102 9.20 -5.14 0.65
CA PHE B 102 9.10 -4.15 -0.41
C PHE B 102 7.74 -3.45 -0.44
N LEU B 103 6.70 -4.09 0.12
CA LEU B 103 5.40 -3.46 0.27
C LEU B 103 4.91 -3.59 1.70
N PRO B 104 4.38 -2.50 2.27
CA PRO B 104 3.92 -2.52 3.66
C PRO B 104 2.53 -3.14 3.87
N PHE B 105 2.05 -3.87 2.88
CA PHE B 105 0.77 -4.57 2.94
C PHE B 105 0.86 -5.87 2.14
N PRO B 106 0.02 -6.86 2.47
CA PRO B 106 0.06 -8.11 1.69
C PRO B 106 -0.64 -7.98 0.34
N LEU B 107 -0.14 -8.71 -0.65
CA LEU B 107 -0.75 -8.76 -1.97
C LEU B 107 -1.68 -9.98 -2.01
N VAL B 108 -2.97 -9.71 -2.14
CA VAL B 108 -4.00 -10.73 -2.11
C VAL B 108 -4.52 -11.03 -3.52
N PHE B 109 -4.19 -12.22 -4.02
CA PHE B 109 -4.52 -12.57 -5.39
C PHE B 109 -5.67 -13.57 -5.50
N CYS B 110 -6.51 -13.38 -6.51
CA CYS B 110 -7.60 -14.31 -6.76
CA CYS B 110 -7.62 -14.27 -6.79
C CYS B 110 -7.45 -14.90 -8.18
N ILE B 111 -7.18 -16.20 -8.25
CA ILE B 111 -6.72 -16.82 -9.50
C ILE B 111 -7.58 -17.93 -10.09
N GLY B 112 -7.92 -17.78 -11.36
CA GLY B 112 -8.59 -18.80 -12.13
C GLY B 112 -10.02 -19.11 -11.75
N GLY B 113 -10.41 -20.36 -11.96
CA GLY B 113 -11.73 -20.83 -11.58
C GLY B 113 -12.71 -20.91 -12.74
N PHE B 114 -13.99 -20.89 -12.40
CA PHE B 114 -15.06 -21.04 -13.37
C PHE B 114 -16.12 -19.96 -13.07
N ASP B 115 -16.56 -19.23 -14.10
CA ASP B 115 -17.40 -18.05 -13.87
C ASP B 115 -18.89 -18.33 -14.07
N GLY B 116 -19.21 -19.58 -14.37
CA GLY B 116 -20.59 -19.92 -14.70
C GLY B 116 -20.70 -20.48 -16.10
N VAL B 117 -19.89 -19.95 -17.03
CA VAL B 117 -19.87 -20.43 -18.42
C VAL B 117 -18.45 -20.72 -18.95
N GLU B 118 -17.47 -19.90 -18.58
CA GLU B 118 -16.09 -20.12 -19.00
C GLU B 118 -15.14 -20.45 -17.84
N TYR B 119 -14.17 -21.31 -18.14
CA TYR B 119 -13.02 -21.53 -17.26
C TYR B 119 -12.11 -20.30 -17.40
N LEU B 120 -11.35 -20.00 -16.35
CA LEU B 120 -10.64 -18.73 -16.31
C LEU B 120 -9.13 -18.86 -16.16
N ASN B 121 -8.39 -17.98 -16.84
CA ASN B 121 -6.98 -17.78 -16.52
C ASN B 121 -6.75 -16.42 -15.83
N SER B 122 -7.82 -15.62 -15.68
CA SER B 122 -7.67 -14.27 -15.13
C SER B 122 -7.33 -14.32 -13.65
N MET B 123 -6.66 -13.27 -13.21
CA MET B 123 -6.27 -13.11 -11.81
C MET B 123 -6.65 -11.70 -11.39
N GLU B 124 -7.14 -11.58 -10.17
CA GLU B 124 -7.55 -10.29 -9.65
C GLU B 124 -6.69 -9.98 -8.47
N LEU B 125 -6.29 -8.70 -8.36
CA LEU B 125 -5.53 -8.25 -7.22
C LEU B 125 -6.37 -7.25 -6.42
N LEU B 126 -6.42 -7.45 -5.11
CA LEU B 126 -7.14 -6.57 -4.22
C LEU B 126 -6.34 -5.29 -4.00
N ASP B 127 -6.90 -4.17 -4.46
CA ASP B 127 -6.26 -2.89 -4.32
C ASP B 127 -6.64 -2.20 -3.01
N ILE B 128 -5.72 -2.20 -2.05
CA ILE B 128 -5.91 -1.59 -0.74
C ILE B 128 -6.18 -0.07 -0.83
N SER B 129 -5.40 0.64 -1.65
CA SER B 129 -5.61 2.08 -1.88
C SER B 129 -7.04 2.37 -2.35
N GLN B 130 -7.47 1.75 -3.46
CA GLN B 130 -8.79 2.03 -4.04
C GLN B 130 -9.93 1.22 -3.40
N GLN B 131 -9.57 0.33 -2.49
CA GLN B 131 -10.51 -0.53 -1.79
C GLN B 131 -11.43 -1.33 -2.73
N CYS B 132 -10.81 -1.92 -3.74
CA CYS B 132 -11.54 -2.72 -4.71
C CYS B 132 -10.61 -3.75 -5.37
N TRP B 133 -11.20 -4.70 -6.09
CA TRP B 133 -10.42 -5.68 -6.84
C TRP B 133 -10.10 -5.11 -8.21
N ARG B 134 -8.85 -5.26 -8.63
CA ARG B 134 -8.42 -4.92 -10.00
C ARG B 134 -7.92 -6.14 -10.76
N MET B 135 -8.15 -6.15 -12.08
CA MET B 135 -7.62 -7.20 -12.95
C MET B 135 -6.09 -7.13 -12.99
N CYS B 136 -5.46 -8.29 -12.97
CA CYS B 136 -4.00 -8.36 -12.94
C CYS B 136 -3.47 -9.20 -14.08
N THR B 137 -2.23 -9.65 -13.99
CA THR B 137 -1.66 -10.43 -15.09
C THR B 137 -2.23 -11.87 -15.09
N PRO B 138 -2.89 -12.26 -16.18
CA PRO B 138 -3.46 -13.61 -16.27
C PRO B 138 -2.39 -14.70 -16.43
N MET B 139 -2.69 -15.91 -15.96
CA MET B 139 -1.79 -17.04 -16.18
C MET B 139 -2.01 -17.55 -17.61
N SER B 140 -1.18 -18.47 -18.10
CA SER B 140 -1.28 -18.86 -19.52
CA SER B 140 -1.24 -18.91 -19.50
C SER B 140 -2.41 -19.85 -19.77
N THR B 141 -2.71 -20.74 -18.81
CA THR B 141 -3.79 -21.71 -19.01
C THR B 141 -5.02 -21.53 -18.12
N LYS B 142 -6.17 -21.34 -18.74
CA LYS B 142 -7.46 -21.31 -18.06
C LYS B 142 -7.82 -22.67 -17.43
N LYS B 143 -8.20 -22.63 -16.16
CA LYS B 143 -8.49 -23.84 -15.39
C LYS B 143 -9.24 -23.55 -14.07
N ALA B 144 -10.06 -24.50 -13.65
CA ALA B 144 -10.61 -24.45 -12.30
C ALA B 144 -10.10 -25.67 -11.55
N TYR B 145 -10.32 -25.67 -10.23
CA TYR B 145 -10.02 -26.83 -9.43
C TYR B 145 -8.58 -27.32 -9.57
N PHE B 146 -7.65 -26.42 -9.28
CA PHE B 146 -6.24 -26.76 -9.28
C PHE B 146 -5.74 -26.59 -7.87
N GLY B 147 -4.61 -27.20 -7.56
CA GLY B 147 -3.94 -27.02 -6.29
C GLY B 147 -3.10 -25.75 -6.33
N SER B 148 -2.92 -25.09 -5.20
CA SER B 148 -2.18 -23.84 -5.19
C SER B 148 -1.47 -23.61 -3.87
N ALA B 149 -0.36 -22.89 -3.95
CA ALA B 149 0.45 -22.59 -2.79
C ALA B 149 1.45 -21.46 -3.10
N VAL B 150 1.98 -20.86 -2.03
CA VAL B 150 3.03 -19.88 -2.11
C VAL B 150 4.31 -20.48 -1.57
N LEU B 151 5.43 -20.25 -2.24
CA LEU B 151 6.71 -20.70 -1.72
C LEU B 151 7.76 -19.58 -1.99
N ASN B 152 8.35 -19.05 -0.93
CA ASN B 152 9.24 -17.90 -1.06
C ASN B 152 8.63 -16.79 -1.91
N ASN B 153 7.35 -16.53 -1.64
CA ASN B 153 6.56 -15.45 -2.23
C ASN B 153 6.40 -15.52 -3.76
N PHE B 154 6.63 -16.69 -4.33
CA PHE B 154 6.14 -16.94 -5.67
C PHE B 154 4.81 -17.70 -5.57
N LEU B 155 3.89 -17.45 -6.51
CA LEU B 155 2.62 -18.18 -6.55
C LEU B 155 2.75 -19.44 -7.42
N TYR B 156 2.24 -20.57 -6.93
CA TYR B 156 2.27 -21.81 -7.72
C TYR B 156 0.86 -22.33 -7.94
N VAL B 157 0.59 -22.74 -9.18
CA VAL B 157 -0.67 -23.43 -9.48
C VAL B 157 -0.34 -24.70 -10.24
N PHE B 158 -1.06 -25.78 -9.93
CA PHE B 158 -0.72 -27.10 -10.46
C PHE B 158 -1.96 -28.01 -10.48
N GLY B 159 -2.16 -28.67 -11.62
CA GLY B 159 -3.33 -29.49 -11.88
C GLY B 159 -4.48 -28.69 -12.48
N GLY B 160 -5.70 -29.22 -12.32
CA GLY B 160 -6.90 -28.53 -12.75
C GLY B 160 -7.56 -29.08 -13.99
N ASN B 161 -8.64 -28.42 -14.41
CA ASN B 161 -9.33 -28.85 -15.62
C ASN B 161 -10.01 -27.70 -16.34
N ASN B 162 -10.34 -27.93 -17.61
CA ASN B 162 -11.16 -26.99 -18.39
C ASN B 162 -12.11 -27.77 -19.32
N TYR B 163 -12.60 -27.16 -20.41
CA TYR B 163 -13.51 -27.89 -21.29
C TYR B 163 -12.77 -28.91 -22.15
N ASP B 164 -11.44 -28.77 -22.21
CA ASP B 164 -10.58 -29.60 -23.04
C ASP B 164 -9.84 -30.69 -22.27
N TYR B 165 -9.80 -30.58 -20.94
CA TYR B 165 -8.98 -31.46 -20.12
C TYR B 165 -9.64 -31.72 -18.81
N LYS B 166 -9.83 -32.99 -18.50
CA LYS B 166 -10.45 -33.46 -17.26
C LYS B 166 -9.48 -33.33 -16.09
N ALA B 167 -8.18 -33.29 -16.40
CA ALA B 167 -7.12 -33.19 -15.41
C ALA B 167 -5.80 -32.69 -16.04
N LEU B 168 -4.96 -32.03 -15.25
CA LEU B 168 -3.71 -31.46 -15.77
C LEU B 168 -2.47 -31.80 -14.92
N PHE B 169 -1.30 -31.82 -15.56
CA PHE B 169 -0.06 -31.97 -14.80
C PHE B 169 0.79 -30.69 -14.85
N GLU B 170 0.33 -29.70 -15.62
CA GLU B 170 1.08 -28.44 -15.75
C GLU B 170 1.15 -27.63 -14.46
N THR B 171 2.32 -27.06 -14.19
CA THR B 171 2.51 -26.09 -13.11
C THR B 171 2.96 -24.73 -13.61
N GLU B 172 2.21 -23.68 -13.28
CA GLU B 172 2.63 -22.29 -13.58
C GLU B 172 3.04 -21.57 -12.29
N VAL B 173 3.97 -20.65 -12.45
CA VAL B 173 4.53 -19.89 -11.35
C VAL B 173 4.52 -18.37 -11.62
N TYR B 174 4.00 -17.61 -10.67
CA TYR B 174 3.94 -16.16 -10.80
C TYR B 174 5.00 -15.45 -9.96
N ASP B 175 5.82 -14.68 -10.65
CA ASP B 175 6.86 -13.80 -10.08
C ASP B 175 6.37 -12.34 -10.10
N ARG B 176 5.96 -11.82 -8.94
CA ARG B 176 5.36 -10.48 -8.85
C ARG B 176 6.34 -9.32 -9.15
N LEU B 177 7.56 -9.40 -8.63
CA LEU B 177 8.55 -8.35 -8.85
C LEU B 177 8.78 -8.13 -10.34
N ARG B 178 8.84 -9.23 -11.11
CA ARG B 178 8.97 -9.14 -12.57
C ARG B 178 7.62 -9.15 -13.30
N ASP B 179 6.53 -9.30 -12.56
CA ASP B 179 5.18 -9.39 -13.12
C ASP B 179 5.08 -10.39 -14.29
N VAL B 180 5.60 -11.59 -14.11
CA VAL B 180 5.53 -12.58 -15.18
C VAL B 180 5.17 -14.01 -14.67
N TRP B 181 4.42 -14.74 -15.48
CA TRP B 181 4.18 -16.15 -15.25
C TRP B 181 5.14 -17.03 -16.04
N TYR B 182 5.61 -18.10 -15.44
CA TYR B 182 6.35 -19.07 -16.23
C TYR B 182 5.97 -20.53 -15.85
N VAL B 183 6.27 -21.47 -16.73
CA VAL B 183 5.99 -22.87 -16.48
CA VAL B 183 5.99 -22.88 -16.47
C VAL B 183 7.08 -23.48 -15.59
N SER B 184 6.69 -24.44 -14.75
CA SER B 184 7.67 -25.18 -13.95
C SER B 184 7.62 -26.67 -14.28
N SER B 185 8.02 -27.49 -13.31
CA SER B 185 8.01 -28.95 -13.44
C SER B 185 6.60 -29.49 -13.62
N ASN B 186 6.48 -30.58 -14.36
CA ASN B 186 5.22 -31.31 -14.46
C ASN B 186 4.93 -32.19 -13.25
N LEU B 187 3.66 -32.28 -12.88
CA LEU B 187 3.20 -33.28 -11.93
C LEU B 187 3.43 -34.67 -12.53
N ASN B 188 3.79 -35.63 -11.69
CA ASN B 188 3.85 -37.05 -12.08
C ASN B 188 2.46 -37.62 -12.40
N ILE B 189 1.50 -37.27 -11.56
CA ILE B 189 0.15 -37.69 -11.77
C ILE B 189 -0.69 -36.44 -11.99
N PRO B 190 -1.28 -36.30 -13.18
CA PRO B 190 -2.20 -35.18 -13.45
C PRO B 190 -3.41 -35.24 -12.51
N ARG B 191 -3.97 -34.09 -12.14
CA ARG B 191 -5.16 -34.06 -11.26
C ARG B 191 -5.99 -32.82 -11.47
N ARG B 192 -7.26 -32.94 -11.12
CA ARG B 192 -8.07 -31.79 -10.80
C ARG B 192 -8.60 -32.09 -9.40
N ASN B 193 -9.14 -31.08 -8.72
CA ASN B 193 -9.71 -31.25 -7.39
C ASN B 193 -8.70 -31.82 -6.39
N ASN B 194 -7.45 -31.49 -6.65
CA ASN B 194 -6.33 -31.71 -5.74
C ASN B 194 -6.18 -30.51 -4.80
N CYS B 195 -5.53 -30.74 -3.66
CA CYS B 195 -5.32 -29.78 -2.60
C CYS B 195 -3.84 -29.39 -2.50
N GLY B 196 -3.52 -28.11 -2.33
CA GLY B 196 -2.13 -27.68 -2.21
C GLY B 196 -1.73 -27.06 -0.87
N VAL B 197 -0.54 -27.39 -0.34
CA VAL B 197 0.00 -26.79 0.88
C VAL B 197 1.53 -26.69 0.91
N THR B 198 2.03 -25.63 1.53
CA THR B 198 3.46 -25.49 1.74
C THR B 198 3.85 -25.94 3.14
N SER B 199 4.82 -26.85 3.23
CA SER B 199 5.30 -27.33 4.52
C SER B 199 6.79 -27.63 4.52
N ASN B 200 7.52 -26.94 5.39
CA ASN B 200 8.97 -27.10 5.53
C ASN B 200 9.69 -27.05 4.20
N GLY B 201 9.45 -25.96 3.47
CA GLY B 201 10.16 -25.68 2.25
C GLY B 201 9.70 -26.43 1.02
N ARG B 202 8.64 -27.22 1.14
CA ARG B 202 8.12 -27.89 -0.04
C ARG B 202 6.63 -27.66 -0.20
N ILE B 203 6.19 -27.66 -1.45
CA ILE B 203 4.77 -27.55 -1.76
C ILE B 203 4.25 -28.97 -1.89
N TYR B 204 3.11 -29.25 -1.26
CA TYR B 204 2.51 -30.58 -1.37
C TYR B 204 1.23 -30.58 -2.18
N CYS B 205 1.10 -31.61 -3.01
CA CYS B 205 -0.02 -31.76 -3.93
C CYS B 205 -0.77 -33.03 -3.53
N ILE B 206 -1.99 -32.87 -3.04
CA ILE B 206 -2.67 -33.93 -2.30
C ILE B 206 -4.00 -34.32 -2.89
N GLY B 207 -4.10 -35.60 -3.29
CA GLY B 207 -5.36 -36.16 -3.72
C GLY B 207 -5.89 -35.69 -5.05
N GLY B 208 -7.22 -35.65 -5.17
CA GLY B 208 -7.88 -35.21 -6.38
C GLY B 208 -8.39 -36.33 -7.29
N TYR B 209 -8.54 -35.97 -8.56
CA TYR B 209 -9.08 -36.80 -9.61
C TYR B 209 -8.14 -36.74 -10.82
N ASP B 210 -7.58 -37.89 -11.23
CA ASP B 210 -6.52 -37.91 -12.25
C ASP B 210 -7.04 -37.89 -13.69
N GLY B 211 -8.34 -37.74 -13.86
CA GLY B 211 -8.95 -37.78 -15.17
C GLY B 211 -9.75 -39.07 -15.33
N SER B 212 -9.45 -40.05 -14.50
CA SER B 212 -10.11 -41.36 -14.61
C SER B 212 -10.67 -41.83 -13.27
N SER B 213 -9.90 -41.68 -12.19
CA SER B 213 -10.40 -42.04 -10.86
C SER B 213 -10.02 -41.07 -9.73
N ILE B 214 -10.65 -41.27 -8.58
CA ILE B 214 -10.28 -40.53 -7.39
C ILE B 214 -9.09 -41.21 -6.74
N ILE B 215 -8.00 -40.47 -6.55
CA ILE B 215 -6.72 -41.03 -6.13
C ILE B 215 -6.25 -40.60 -4.73
N PRO B 216 -5.33 -41.38 -4.14
CA PRO B 216 -4.75 -41.05 -2.84
C PRO B 216 -3.37 -40.40 -2.95
N ASN B 217 -2.82 -40.29 -4.15
CA ASN B 217 -1.41 -39.94 -4.34
C ASN B 217 -1.05 -38.54 -3.87
N VAL B 218 0.17 -38.42 -3.37
CA VAL B 218 0.71 -37.16 -2.88
C VAL B 218 2.11 -36.87 -3.46
N GLU B 219 2.29 -35.69 -4.03
CA GLU B 219 3.61 -35.28 -4.56
C GLU B 219 4.11 -34.00 -3.88
N ALA B 220 5.42 -33.91 -3.70
CA ALA B 220 6.02 -32.74 -3.11
C ALA B 220 6.95 -32.08 -4.12
N TYR B 221 6.86 -30.75 -4.23
CA TYR B 221 7.78 -30.02 -5.10
C TYR B 221 8.98 -29.52 -4.32
N ASP B 222 10.17 -29.90 -4.77
CA ASP B 222 11.39 -29.44 -4.15
C ASP B 222 12.07 -28.43 -5.07
N HIS B 223 12.33 -27.25 -4.52
CA HIS B 223 12.78 -26.15 -5.33
C HIS B 223 14.24 -26.30 -5.73
N ARG B 224 15.02 -26.95 -4.88
CA ARG B 224 16.43 -27.18 -5.20
C ARG B 224 16.55 -28.19 -6.35
N MET B 225 15.86 -29.31 -6.23
CA MET B 225 15.86 -30.34 -7.27
C MET B 225 15.12 -29.92 -8.53
N LYS B 226 14.18 -28.99 -8.41
CA LYS B 226 13.30 -28.60 -9.53
C LYS B 226 12.55 -29.81 -10.05
N ALA B 227 11.81 -30.46 -9.16
CA ALA B 227 11.08 -31.66 -9.51
C ALA B 227 9.94 -31.94 -8.53
N TRP B 228 8.85 -32.46 -9.05
CA TRP B 228 7.84 -33.02 -8.20
C TRP B 228 8.32 -34.43 -7.94
N VAL B 229 8.38 -34.80 -6.66
CA VAL B 229 8.79 -36.16 -6.30
C VAL B 229 7.66 -36.76 -5.46
N GLU B 230 7.31 -38.00 -5.77
CA GLU B 230 6.19 -38.66 -5.12
C GLU B 230 6.56 -39.11 -3.71
N VAL B 231 5.60 -39.02 -2.79
CA VAL B 231 5.79 -39.48 -1.41
C VAL B 231 4.61 -40.31 -0.95
N ALA B 232 4.56 -40.59 0.35
CA ALA B 232 3.52 -41.46 0.91
C ALA B 232 2.12 -40.98 0.55
N PRO B 233 1.30 -41.88 0.01
CA PRO B 233 -0.08 -41.57 -0.36
C PRO B 233 -1.00 -41.46 0.84
N LEU B 234 -2.19 -40.89 0.64
CA LEU B 234 -3.21 -40.94 1.68
C LEU B 234 -3.68 -42.39 1.85
N ASN B 235 -4.20 -42.72 3.03
CA ASN B 235 -4.78 -44.04 3.21
C ASN B 235 -6.12 -44.15 2.50
N THR B 236 -6.76 -43.01 2.26
CA THR B 236 -8.06 -42.98 1.60
C THR B 236 -8.10 -41.99 0.45
N PRO B 237 -8.43 -42.46 -0.77
CA PRO B 237 -8.53 -41.52 -1.90
C PRO B 237 -9.60 -40.46 -1.67
N ARG B 238 -9.26 -39.21 -1.95
CA ARG B 238 -10.14 -38.07 -1.75
C ARG B 238 -10.01 -37.11 -2.91
N SER B 239 -11.12 -36.58 -3.39
CA SER B 239 -11.03 -35.44 -4.29
C SER B 239 -11.72 -34.30 -3.49
N SER B 240 -11.38 -33.03 -3.77
CA SER B 240 -12.00 -31.89 -3.07
C SER B 240 -11.87 -31.97 -1.54
N ALA B 241 -10.75 -32.49 -1.06
CA ALA B 241 -10.46 -32.45 0.36
C ALA B 241 -9.97 -31.05 0.78
N MET B 242 -9.83 -30.83 2.08
CA MET B 242 -9.32 -29.58 2.60
C MET B 242 -8.04 -29.84 3.38
N CYS B 243 -7.05 -28.96 3.23
CA CYS B 243 -5.76 -29.23 3.85
C CYS B 243 -5.12 -28.00 4.49
N VAL B 244 -4.23 -28.26 5.42
CA VAL B 244 -3.59 -27.23 6.22
C VAL B 244 -2.32 -27.78 6.83
N ALA B 245 -1.32 -26.94 7.03
CA ALA B 245 -0.08 -27.37 7.69
C ALA B 245 0.27 -26.45 8.86
N PHE B 246 0.48 -27.04 10.04
CA PHE B 246 1.02 -26.29 11.17
C PHE B 246 1.61 -27.27 12.21
N ASP B 247 2.52 -26.75 13.03
CA ASP B 247 3.24 -27.54 14.03
C ASP B 247 3.99 -28.67 13.33
N ASN B 248 4.66 -28.31 12.23
CA ASN B 248 5.46 -29.23 11.42
C ASN B 248 4.71 -30.48 10.99
N LYS B 249 3.40 -30.33 10.80
CA LYS B 249 2.54 -31.43 10.34
C LYS B 249 1.56 -30.96 9.26
N ILE B 250 1.13 -31.88 8.40
CA ILE B 250 0.09 -31.56 7.42
C ILE B 250 -1.20 -32.35 7.66
N TYR B 251 -2.29 -31.61 7.76
CA TYR B 251 -3.59 -32.21 7.97
C TYR B 251 -4.43 -32.16 6.70
N VAL B 252 -4.91 -33.33 6.27
CA VAL B 252 -5.90 -33.42 5.20
C VAL B 252 -7.24 -33.85 5.76
N ILE B 253 -8.28 -33.08 5.43
CA ILE B 253 -9.58 -33.17 6.07
C ILE B 253 -10.73 -33.30 5.07
N GLY B 254 -11.60 -34.28 5.30
CA GLY B 254 -12.81 -34.38 4.51
C GLY B 254 -12.54 -34.78 3.07
N GLY B 255 -13.29 -34.19 2.15
CA GLY B 255 -13.21 -34.61 0.75
C GLY B 255 -14.27 -35.61 0.38
N THR B 256 -14.17 -36.14 -0.85
CA THR B 256 -15.13 -37.10 -1.34
C THR B 256 -14.43 -38.17 -2.15
N ASN B 257 -14.97 -39.39 -2.09
CA ASN B 257 -14.53 -40.48 -2.96
C ASN B 257 -15.72 -41.14 -3.66
N GLY B 258 -16.89 -40.55 -3.45
CA GLY B 258 -18.16 -41.07 -3.92
C GLY B 258 -19.21 -40.61 -2.94
N GLU B 259 -18.85 -40.66 -1.66
CA GLU B 259 -19.59 -40.01 -0.58
C GLU B 259 -18.63 -39.03 0.13
N ARG B 260 -19.18 -37.98 0.73
CA ARG B 260 -18.34 -37.06 1.49
C ARG B 260 -17.71 -37.83 2.66
N LEU B 261 -16.51 -37.41 3.08
CA LEU B 261 -15.80 -38.06 4.18
C LEU B 261 -15.73 -37.14 5.39
N ASN B 262 -15.49 -37.72 6.56
CA ASN B 262 -15.30 -36.92 7.77
C ASN B 262 -13.96 -37.24 8.40
N SER B 263 -13.19 -38.11 7.73
CA SER B 263 -11.90 -38.55 8.26
C SER B 263 -10.82 -37.52 8.02
N ILE B 264 -9.77 -37.58 8.82
CA ILE B 264 -8.71 -36.58 8.79
C ILE B 264 -7.36 -37.27 8.91
N GLU B 265 -6.43 -36.93 8.03
CA GLU B 265 -5.12 -37.57 8.07
C GLU B 265 -4.01 -36.55 8.33
N VAL B 266 -3.04 -36.96 9.15
CA VAL B 266 -1.94 -36.12 9.56
C VAL B 266 -0.65 -36.67 8.99
N TYR B 267 0.15 -35.81 8.36
CA TYR B 267 1.39 -36.28 7.76
C TYR B 267 2.61 -35.85 8.57
N GLU B 268 3.30 -36.87 9.10
CA GLU B 268 4.63 -36.69 9.70
C GLU B 268 5.74 -36.81 8.64
N GLU B 269 6.31 -35.68 8.27
CA GLU B 269 7.38 -35.64 7.28
C GLU B 269 8.55 -36.53 7.65
N LYS B 270 8.91 -36.52 8.94
CA LYS B 270 10.10 -37.23 9.41
C LYS B 270 10.02 -38.73 9.18
N MET B 271 8.82 -39.26 9.01
CA MET B 271 8.64 -40.69 8.85
C MET B 271 7.98 -41.06 7.52
N ASN B 272 7.68 -40.04 6.70
CA ASN B 272 6.99 -40.21 5.41
C ASN B 272 5.76 -41.13 5.56
N LYS B 273 4.94 -40.82 6.55
CA LYS B 273 3.80 -41.65 6.92
C LYS B 273 2.59 -40.79 7.26
N TRP B 274 1.44 -41.15 6.69
CA TRP B 274 0.16 -40.57 7.08
C TRP B 274 -0.50 -41.41 8.17
N GLU B 275 -0.88 -40.77 9.27
CA GLU B 275 -1.62 -41.43 10.35
C GLU B 275 -3.03 -40.89 10.35
N GLN B 276 -3.99 -41.69 10.82
CA GLN B 276 -5.37 -41.23 11.02
C GLN B 276 -5.44 -40.29 12.23
N PHE B 277 -6.23 -39.23 12.12
CA PHE B 277 -6.41 -38.32 13.25
C PHE B 277 -7.56 -38.79 14.13
N PRO B 278 -7.31 -38.98 15.43
CA PRO B 278 -8.23 -39.58 16.40
C PRO B 278 -9.54 -38.81 16.56
N TYR B 279 -9.58 -37.55 16.16
CA TYR B 279 -10.81 -36.77 16.34
C TYR B 279 -11.34 -36.37 14.98
N ALA B 280 -12.14 -37.26 14.43
CA ALA B 280 -12.72 -37.04 13.12
C ALA B 280 -13.74 -35.94 13.22
N LEU B 281 -14.23 -35.47 12.08
CA LEU B 281 -15.32 -34.55 12.11
C LEU B 281 -16.48 -35.46 12.46
N LEU B 282 -17.50 -34.95 13.14
CA LEU B 282 -18.72 -35.75 13.29
C LEU B 282 -19.47 -35.61 11.98
N GLU B 283 -19.44 -34.39 11.43
CA GLU B 283 -20.15 -34.07 10.21
C GLU B 283 -19.18 -34.09 9.03
N ALA B 284 -19.47 -34.95 8.06
CA ALA B 284 -18.67 -35.12 6.84
C ALA B 284 -18.86 -33.98 5.84
N ARG B 285 -17.78 -33.59 5.18
CA ARG B 285 -17.87 -32.56 4.14
C ARG B 285 -16.70 -32.54 3.15
N SER B 286 -16.99 -32.00 1.98
CA SER B 286 -16.01 -31.72 0.94
C SER B 286 -16.19 -30.27 0.44
N SER B 287 -15.34 -29.86 -0.50
CA SER B 287 -15.49 -28.59 -1.20
C SER B 287 -15.44 -27.35 -0.30
N GLY B 288 -14.82 -27.48 0.87
CA GLY B 288 -14.69 -26.35 1.78
C GLY B 288 -13.33 -25.68 1.79
N ALA B 289 -12.81 -25.43 3.00
CA ALA B 289 -11.47 -24.93 3.22
C ALA B 289 -11.09 -25.18 4.66
N ALA B 290 -9.79 -25.32 4.91
CA ALA B 290 -9.26 -25.48 6.25
C ALA B 290 -8.17 -24.41 6.47
N PHE B 291 -8.04 -23.91 7.70
CA PHE B 291 -6.93 -23.02 8.00
C PHE B 291 -6.53 -23.00 9.46
N ASN B 292 -5.43 -22.31 9.75
CA ASN B 292 -4.79 -22.34 11.06
C ASN B 292 -4.60 -20.93 11.66
N TYR B 293 -5.00 -20.79 12.92
CA TYR B 293 -4.71 -19.60 13.73
C TYR B 293 -4.27 -20.04 15.11
N LEU B 294 -3.08 -19.59 15.51
CA LEU B 294 -2.41 -20.10 16.70
C LEU B 294 -2.38 -21.64 16.70
N ASN B 295 -2.97 -22.26 17.73
CA ASN B 295 -2.93 -23.71 17.86
C ASN B 295 -4.13 -24.46 17.27
N GLN B 296 -5.15 -23.73 16.85
CA GLN B 296 -6.44 -24.34 16.51
C GLN B 296 -6.71 -24.54 15.00
N ILE B 297 -7.41 -25.62 14.67
CA ILE B 297 -7.76 -25.93 13.29
C ILE B 297 -9.17 -25.44 13.05
N TYR B 298 -9.40 -24.86 11.88
CA TYR B 298 -10.72 -24.34 11.56
C TYR B 298 -11.14 -24.93 10.24
N VAL B 299 -12.44 -25.15 10.07
CA VAL B 299 -12.97 -25.73 8.85
C VAL B 299 -14.20 -24.94 8.44
N VAL B 300 -14.29 -24.58 7.16
CA VAL B 300 -15.30 -23.62 6.74
C VAL B 300 -16.07 -24.07 5.49
N GLY B 301 -17.39 -23.88 5.48
CA GLY B 301 -18.21 -24.11 4.30
C GLY B 301 -18.16 -25.52 3.69
N GLY B 302 -18.59 -25.62 2.43
CA GLY B 302 -18.57 -26.88 1.71
C GLY B 302 -19.95 -27.48 1.44
N ILE B 303 -20.02 -28.82 1.42
CA ILE B 303 -21.26 -29.54 1.15
C ILE B 303 -21.25 -30.89 1.89
N ASP B 304 -22.40 -31.26 2.46
CA ASP B 304 -22.47 -32.48 3.27
C ASP B 304 -23.08 -33.66 2.51
N ASN B 305 -23.14 -34.83 3.14
CA ASN B 305 -23.60 -36.03 2.44
C ASN B 305 -25.09 -36.00 2.23
N GLU B 306 -25.74 -35.05 2.89
CA GLU B 306 -27.18 -34.82 2.68
C GLU B 306 -27.35 -33.74 1.60
N HIS B 307 -26.24 -33.38 0.96
CA HIS B 307 -26.18 -32.43 -0.17
C HIS B 307 -26.52 -30.96 0.16
N ASN B 308 -26.36 -30.58 1.43
CA ASN B 308 -26.56 -29.17 1.81
C ASN B 308 -25.31 -28.32 1.59
N ILE B 309 -25.44 -27.22 0.86
CA ILE B 309 -24.29 -26.32 0.79
C ILE B 309 -24.24 -25.61 2.15
N LEU B 310 -23.06 -25.63 2.77
CA LEU B 310 -22.86 -25.22 4.16
C LEU B 310 -22.36 -23.78 4.37
N ASP B 311 -22.66 -23.23 5.55
CA ASP B 311 -22.04 -21.99 5.99
C ASP B 311 -21.32 -22.18 7.31
N SER B 312 -21.36 -23.40 7.84
CA SER B 312 -20.88 -23.65 9.19
C SER B 312 -19.36 -23.56 9.30
N VAL B 313 -18.89 -23.24 10.49
CA VAL B 313 -17.47 -23.17 10.76
C VAL B 313 -17.21 -24.01 11.99
N GLU B 314 -16.23 -24.89 11.93
CA GLU B 314 -15.87 -25.75 13.06
C GLU B 314 -14.45 -25.46 13.51
N GLN B 315 -14.27 -25.29 14.82
CA GLN B 315 -12.94 -25.09 15.37
C GLN B 315 -12.55 -26.29 16.19
N TYR B 316 -11.33 -26.78 16.00
CA TYR B 316 -10.87 -27.84 16.86
C TYR B 316 -9.97 -27.30 17.97
N GLN B 317 -10.40 -27.48 19.21
CA GLN B 317 -9.61 -27.03 20.36
C GLN B 317 -8.86 -28.22 20.93
N PRO B 318 -7.55 -28.28 20.68
CA PRO B 318 -6.72 -29.41 21.13
C PRO B 318 -6.63 -29.51 22.64
N PHE B 319 -6.74 -28.38 23.34
CA PHE B 319 -6.72 -28.40 24.81
C PHE B 319 -7.83 -29.28 25.37
N ASN B 320 -9.05 -29.09 24.86
CA ASN B 320 -10.22 -29.81 25.34
C ASN B 320 -10.51 -31.06 24.49
N LYS B 321 -9.68 -31.28 23.47
CA LYS B 321 -9.80 -32.44 22.59
C LYS B 321 -11.21 -32.62 22.01
N ARG B 322 -11.73 -31.58 21.37
CA ARG B 322 -13.03 -31.67 20.70
C ARG B 322 -13.22 -30.61 19.61
N TRP B 323 -14.09 -30.92 18.64
CA TRP B 323 -14.53 -29.95 17.64
C TRP B 323 -15.73 -29.15 18.13
N GLN B 324 -15.75 -27.84 17.87
CA GLN B 324 -16.90 -27.00 18.20
C GLN B 324 -17.27 -26.07 17.04
N PHE B 325 -18.55 -25.80 16.85
CA PHE B 325 -18.97 -24.83 15.84
C PHE B 325 -18.83 -23.37 16.34
N LEU B 326 -18.50 -22.45 15.44
CA LEU B 326 -18.45 -21.00 15.74
C LEU B 326 -19.42 -20.22 14.87
N ASN B 327 -19.24 -18.91 14.80
CA ASN B 327 -20.09 -18.11 13.94
C ASN B 327 -19.85 -18.44 12.47
N GLY B 328 -20.93 -18.61 11.74
CA GLY B 328 -20.87 -19.09 10.37
C GLY B 328 -20.45 -18.03 9.38
N VAL B 329 -20.31 -18.43 8.12
CA VAL B 329 -20.04 -17.51 7.03
C VAL B 329 -21.35 -16.82 6.77
N PRO B 330 -21.31 -15.51 6.52
CA PRO B 330 -22.59 -14.78 6.35
C PRO B 330 -23.48 -15.43 5.31
N GLU B 331 -22.89 -16.17 4.39
CA GLU B 331 -23.69 -16.89 3.42
C GLU B 331 -23.11 -18.29 3.18
N LYS B 332 -23.95 -19.21 2.70
CA LYS B 332 -23.50 -20.56 2.36
C LYS B 332 -22.77 -20.51 1.01
N LYS B 333 -21.68 -21.27 0.92
CA LYS B 333 -20.92 -21.34 -0.32
C LYS B 333 -19.99 -22.54 -0.26
N MET B 334 -19.72 -23.08 -1.44
CA MET B 334 -18.71 -24.13 -1.59
C MET B 334 -17.79 -23.79 -2.76
N ASN B 335 -16.61 -24.42 -2.78
CA ASN B 335 -15.64 -24.20 -3.85
C ASN B 335 -15.30 -22.71 -4.02
N PHE B 336 -14.97 -22.08 -2.90
CA PHE B 336 -14.51 -20.70 -2.91
C PHE B 336 -12.99 -20.67 -2.84
N GLY B 337 -12.39 -19.50 -3.03
CA GLY B 337 -10.98 -19.34 -2.76
C GLY B 337 -10.84 -18.70 -1.38
N ALA B 338 -9.83 -19.10 -0.64
CA ALA B 338 -9.64 -18.61 0.72
C ALA B 338 -8.19 -18.73 1.18
N ALA B 339 -7.79 -17.79 2.05
CA ALA B 339 -6.42 -17.71 2.53
C ALA B 339 -6.32 -16.89 3.81
N THR B 340 -5.30 -17.17 4.60
CA THR B 340 -5.07 -16.47 5.85
C THR B 340 -4.16 -15.24 5.68
N LEU B 341 -4.57 -14.13 6.31
CA LEU B 341 -3.69 -12.97 6.48
C LEU B 341 -3.23 -12.93 7.93
N SER B 342 -2.44 -11.94 8.30
CA SER B 342 -2.09 -11.80 9.71
C SER B 342 -3.38 -11.44 10.42
N ASP B 343 -3.65 -12.08 11.55
CA ASP B 343 -4.85 -11.78 12.36
C ASP B 343 -6.18 -12.16 11.67
N SER B 344 -6.21 -12.23 10.35
CA SER B 344 -7.48 -12.45 9.64
C SER B 344 -7.51 -13.72 8.75
N TYR B 345 -8.65 -13.92 8.10
CA TYR B 345 -8.84 -14.97 7.11
C TYR B 345 -9.73 -14.42 6.02
N ILE B 346 -9.35 -14.59 4.77
CA ILE B 346 -10.20 -14.04 3.72
C ILE B 346 -10.83 -15.17 2.93
N ILE B 347 -12.06 -14.95 2.50
CA ILE B 347 -12.81 -15.91 1.71
C ILE B 347 -13.45 -15.19 0.54
N THR B 348 -13.25 -15.65 -0.68
CA THR B 348 -13.81 -14.98 -1.87
C THR B 348 -14.55 -15.93 -2.81
N GLY B 349 -15.66 -15.45 -3.38
CA GLY B 349 -16.44 -16.17 -4.37
C GLY B 349 -17.04 -17.49 -3.90
N GLY B 350 -17.06 -18.49 -4.80
CA GLY B 350 -17.69 -19.76 -4.51
C GLY B 350 -19.04 -19.93 -5.22
N GLU B 351 -19.76 -20.98 -4.84
CA GLU B 351 -21.05 -21.23 -5.45
C GLU B 351 -22.06 -21.64 -4.38
N ASN B 352 -23.34 -21.34 -4.63
CA ASN B 352 -24.44 -21.73 -3.74
C ASN B 352 -25.72 -21.73 -4.55
N GLY B 353 -25.61 -22.28 -5.75
CA GLY B 353 -26.69 -22.24 -6.71
C GLY B 353 -26.32 -21.24 -7.77
N GLU B 354 -26.04 -20.02 -7.30
CA GLU B 354 -25.51 -18.99 -8.17
C GLU B 354 -24.00 -18.91 -8.00
N VAL B 355 -23.34 -18.45 -9.04
CA VAL B 355 -21.92 -18.16 -8.96
C VAL B 355 -21.73 -16.84 -8.17
N LEU B 356 -20.87 -16.87 -7.16
CA LEU B 356 -20.73 -15.74 -6.24
C LEU B 356 -19.50 -14.85 -6.53
N ASN B 357 -19.56 -13.58 -6.11
CA ASN B 357 -18.40 -12.69 -6.21
C ASN B 357 -18.11 -12.03 -4.87
N SER B 358 -18.85 -12.44 -3.84
CA SER B 358 -18.78 -11.86 -2.50
C SER B 358 -17.52 -12.25 -1.74
N CYS B 359 -17.06 -11.34 -0.87
CA CYS B 359 -15.87 -11.61 -0.08
CA CYS B 359 -15.85 -11.58 -0.08
C CYS B 359 -16.10 -11.25 1.39
N HIS B 360 -15.42 -11.97 2.27
CA HIS B 360 -15.61 -11.78 3.70
C HIS B 360 -14.30 -11.97 4.46
N PHE B 361 -14.14 -11.24 5.56
CA PHE B 361 -13.00 -11.41 6.46
C PHE B 361 -13.49 -11.99 7.79
N PHE B 362 -12.72 -12.92 8.33
CA PHE B 362 -12.99 -13.55 9.60
C PHE B 362 -11.88 -13.29 10.60
N SER B 363 -12.23 -13.05 11.85
CA SER B 363 -11.24 -12.92 12.93
C SER B 363 -11.19 -14.20 13.78
N ASN B 367 -14.08 -12.89 16.98
CA ASN B 367 -14.54 -14.06 16.22
C ASN B 367 -15.78 -13.64 15.41
N GLU B 368 -15.57 -12.65 14.54
CA GLU B 368 -16.62 -12.16 13.68
C GLU B 368 -16.31 -12.15 12.16
N TRP B 369 -17.35 -11.90 11.35
CA TRP B 369 -17.26 -11.90 9.90
C TRP B 369 -17.59 -10.56 9.27
N GLN B 370 -16.57 -9.89 8.73
CA GLN B 370 -16.78 -8.58 8.11
C GLN B 370 -16.88 -8.67 6.59
N LEU B 371 -17.83 -7.93 6.02
CA LEU B 371 -18.00 -7.92 4.58
C LEU B 371 -16.79 -7.30 3.88
N GLY B 372 -16.45 -7.83 2.70
CA GLY B 372 -15.32 -7.32 1.92
C GLY B 372 -15.80 -6.77 0.58
N PRO B 373 -14.87 -6.22 -0.22
CA PRO B 373 -15.21 -5.78 -1.58
C PRO B 373 -15.50 -6.98 -2.45
N SER B 374 -16.27 -6.80 -3.52
CA SER B 374 -16.64 -7.92 -4.36
C SER B 374 -15.77 -8.03 -5.62
N LEU B 375 -15.54 -9.28 -6.02
CA LEU B 375 -14.74 -9.61 -7.20
C LEU B 375 -15.31 -9.00 -8.46
N LEU B 376 -14.45 -8.66 -9.40
CA LEU B 376 -14.91 -8.13 -10.67
C LEU B 376 -15.65 -9.22 -11.42
N VAL B 377 -15.06 -10.42 -11.42
CA VAL B 377 -15.65 -11.57 -12.10
C VAL B 377 -16.06 -12.67 -11.13
N PRO B 378 -17.36 -12.85 -10.94
CA PRO B 378 -17.84 -13.93 -10.05
C PRO B 378 -17.30 -15.28 -10.50
N ARG B 379 -16.87 -16.09 -9.55
CA ARG B 379 -16.15 -17.30 -9.88
C ARG B 379 -16.18 -18.30 -8.74
N PHE B 380 -16.07 -19.59 -9.09
CA PHE B 380 -15.77 -20.64 -8.11
C PHE B 380 -14.73 -21.61 -8.71
N GLY B 381 -14.22 -22.52 -7.88
CA GLY B 381 -13.13 -23.40 -8.28
C GLY B 381 -11.80 -22.67 -8.45
N HIS B 382 -11.74 -21.45 -7.93
CA HIS B 382 -10.54 -20.64 -8.02
C HIS B 382 -9.75 -20.75 -6.72
N SER B 383 -8.57 -20.16 -6.71
CA SER B 383 -7.76 -20.06 -5.51
C SER B 383 -7.51 -18.59 -5.08
N VAL B 384 -7.23 -18.40 -3.79
CA VAL B 384 -6.75 -17.13 -3.32
C VAL B 384 -5.33 -17.38 -2.81
N LEU B 385 -4.36 -16.57 -3.25
CA LEU B 385 -2.99 -16.68 -2.74
C LEU B 385 -2.43 -15.35 -2.30
N ILE B 386 -1.61 -15.38 -1.26
CA ILE B 386 -1.08 -14.15 -0.72
C ILE B 386 0.44 -14.05 -0.78
N ALA B 387 0.92 -12.99 -1.43
CA ALA B 387 2.34 -12.71 -1.46
C ALA B 387 2.69 -11.59 -0.47
N ASN B 388 3.72 -11.83 0.34
CA ASN B 388 4.23 -10.82 1.27
C ASN B 388 5.68 -10.40 0.92
N ILE B 389 5.84 -9.64 -0.15
CA ILE B 389 7.16 -9.27 -0.62
C ILE B 389 7.63 -7.97 0.01
UNK UNX C . -3.35 11.28 11.34
UNK UNX D . -13.51 2.78 0.86
UNK UNX E . -11.76 5.34 -1.08
UNK UNX F . 16.94 10.58 -15.31
UNK UNX G . -15.63 36.65 -4.26
UNK UNX H . -12.57 25.81 -18.73
UNK UNX I . -6.61 9.33 -19.15
UNK UNX J . -8.61 42.08 -12.09
UNK UNX K . -15.48 5.15 34.69
UNK UNX L . -19.06 3.61 39.04
UNK UNX M . 0.77 26.25 -9.73
UNK UNX N . -17.01 27.81 -10.41
UNK UNX O . 1.96 16.83 7.91
UNK UNX P . 0.52 31.49 -16.72
UNK UNX Q . -2.17 28.91 -21.27
UNK UNX R . -5.71 29.70 -22.97
UNK UNX S . -0.89 31.65 -21.08
UNK UNX T . -3.97 32.26 -20.04
UNK UNX U . -20.30 19.43 1.64
UNK UNX V . 1.12 25.97 -4.21
UNK UNX W . -6.13 15.05 17.13
UNK UNX X . 9.96 5.43 -16.02
UNK UNX Y . 21.01 13.33 -10.40
UNK UNX Z . -19.36 31.77 -5.53
UNK UNX AA . 5.61 -5.07 -8.69
UNK UNX BA . 7.85 -4.95 -13.90
UNK UNX CA . -13.85 -34.85 -9.16
UNK UNX DA . -15.85 -36.79 -9.83
UNK UNX EA . -18.13 -27.22 -13.22
UNK UNX FA . -15.86 -30.92 -13.95
UNK UNX GA . -23.55 -34.39 9.76
UNK UNX HA . 8.17 -3.39 -10.35
UNK UNX IA . -1.00 -30.07 -18.60
UNK UNX JA . -14.49 -2.98 1.06
UNK UNX KA . -10.15 -23.86 -23.19
UNK UNX LA . 21.33 -12.89 -10.91
#